data_2YTN
#
_entry.id   2YTN
#
loop_
_entity.id
_entity.type
_entity.pdbx_description
1 polymer 'Zinc finger protein 347'
2 non-polymer 'ZINC ION'
#
_entity_poly.entity_id   1
_entity_poly.type   'polypeptide(L)'
_entity_poly.pdbx_seq_one_letter_code
;GSSGSSGTGKKPYKCNECGKVFTQNSHLARHRGIHTGEKPSGPSSG
;
_entity_poly.pdbx_strand_id   A
#
loop_
_chem_comp.id
_chem_comp.type
_chem_comp.name
_chem_comp.formula
ZN non-polymer 'ZINC ION' 'Zn 2'
#
# COMPACT_ATOMS: atom_id res chain seq x y z
N GLY A 1 15.04 8.28 28.56
CA GLY A 1 13.97 9.11 29.07
C GLY A 1 12.98 9.51 28.00
N SER A 2 12.49 8.53 27.25
CA SER A 2 11.53 8.78 26.19
C SER A 2 10.83 7.50 25.77
N SER A 3 9.57 7.63 25.34
CA SER A 3 8.79 6.47 24.92
C SER A 3 9.51 5.71 23.81
N GLY A 4 9.86 4.46 24.10
CA GLY A 4 10.55 3.63 23.12
C GLY A 4 9.60 3.04 22.11
N SER A 5 9.99 3.10 20.84
CA SER A 5 9.16 2.56 19.76
C SER A 5 9.50 1.09 19.49
N SER A 6 8.59 0.39 18.83
CA SER A 6 8.79 -1.01 18.51
C SER A 6 7.67 -1.55 17.64
N GLY A 7 8.01 -2.46 16.74
CA GLY A 7 7.01 -3.03 15.84
C GLY A 7 6.88 -2.27 14.54
N THR A 8 7.30 -2.89 13.45
CA THR A 8 7.24 -2.26 12.14
C THR A 8 5.91 -2.55 11.45
N GLY A 9 5.52 -3.82 11.45
CA GLY A 9 4.26 -4.21 10.83
C GLY A 9 4.05 -5.71 10.82
N LYS A 10 3.65 -6.25 11.97
CA LYS A 10 3.42 -7.68 12.08
C LYS A 10 2.82 -8.24 10.80
N LYS A 11 1.80 -7.57 10.28
CA LYS A 11 1.14 -8.01 9.05
C LYS A 11 2.15 -8.55 8.05
N PRO A 12 1.70 -9.44 7.17
CA PRO A 12 2.55 -10.06 6.15
C PRO A 12 2.96 -9.07 5.07
N TYR A 13 1.98 -8.37 4.51
CA TYR A 13 2.25 -7.38 3.46
C TYR A 13 1.12 -6.36 3.39
N LYS A 14 1.48 -5.09 3.58
CA LYS A 14 0.51 -4.00 3.53
C LYS A 14 0.87 -2.99 2.46
N CYS A 15 -0.14 -2.32 1.92
CA CYS A 15 0.07 -1.33 0.88
C CYS A 15 0.29 0.06 1.48
N ASN A 16 1.54 0.52 1.46
CA ASN A 16 1.88 1.83 2.01
C ASN A 16 1.15 2.93 1.26
N GLU A 17 0.50 2.57 0.16
CA GLU A 17 -0.23 3.54 -0.64
C GLU A 17 -1.63 3.78 -0.06
N CYS A 18 -2.36 2.70 0.16
CA CYS A 18 -3.72 2.79 0.72
C CYS A 18 -3.76 2.20 2.12
N GLY A 19 -3.21 1.00 2.27
CA GLY A 19 -3.21 0.34 3.56
C GLY A 19 -3.74 -1.08 3.49
N LYS A 20 -4.12 -1.51 2.30
CA LYS A 20 -4.65 -2.85 2.09
C LYS A 20 -3.59 -3.90 2.41
N VAL A 21 -4.03 -5.00 3.03
CA VAL A 21 -3.12 -6.08 3.39
C VAL A 21 -3.41 -7.34 2.57
N PHE A 22 -2.35 -8.03 2.17
CA PHE A 22 -2.50 -9.25 1.39
C PHE A 22 -1.58 -10.35 1.92
N THR A 23 -2.18 -11.39 2.48
CA THR A 23 -1.41 -12.52 3.02
C THR A 23 -0.19 -12.81 2.17
N GLN A 24 -0.37 -12.80 0.85
CA GLN A 24 0.72 -13.06 -0.07
C GLN A 24 1.20 -11.77 -0.74
N ASN A 25 2.51 -11.55 -0.70
CA ASN A 25 3.09 -10.35 -1.30
C ASN A 25 2.63 -10.19 -2.74
N SER A 26 2.66 -11.28 -3.49
CA SER A 26 2.25 -11.26 -4.89
C SER A 26 0.94 -10.51 -5.06
N HIS A 27 -0.02 -10.80 -4.18
CA HIS A 27 -1.33 -10.16 -4.23
C HIS A 27 -1.19 -8.64 -4.07
N LEU A 28 -0.26 -8.23 -3.23
CA LEU A 28 -0.02 -6.81 -2.98
C LEU A 28 0.68 -6.15 -4.16
N ALA A 29 1.85 -6.69 -4.52
CA ALA A 29 2.61 -6.16 -5.64
C ALA A 29 1.71 -5.88 -6.84
N ARG A 30 0.90 -6.86 -7.20
CA ARG A 30 -0.01 -6.73 -8.33
C ARG A 30 -1.10 -5.69 -8.03
N HIS A 31 -1.53 -5.63 -6.79
CA HIS A 31 -2.56 -4.68 -6.37
C HIS A 31 -2.07 -3.25 -6.52
N ARG A 32 -0.90 -2.96 -5.96
CA ARG A 32 -0.32 -1.62 -6.04
C ARG A 32 -0.60 -0.98 -7.39
N GLY A 33 -0.74 -1.81 -8.42
CA GLY A 33 -1.01 -1.31 -9.76
C GLY A 33 -2.21 -0.39 -9.80
N ILE A 34 -3.30 -0.80 -9.15
CA ILE A 34 -4.51 0.00 -9.11
C ILE A 34 -4.21 1.45 -8.79
N HIS A 35 -3.03 1.69 -8.18
CA HIS A 35 -2.62 3.03 -7.82
C HIS A 35 -1.89 3.72 -8.98
N THR A 36 -0.73 3.17 -9.33
CA THR A 36 0.07 3.72 -10.42
C THR A 36 -0.77 3.88 -11.70
N GLY A 37 -0.35 4.79 -12.56
CA GLY A 37 -1.07 5.01 -13.81
C GLY A 37 -2.12 6.08 -13.67
N GLU A 38 -2.84 6.34 -14.76
CA GLU A 38 -3.89 7.36 -14.77
C GLU A 38 -3.35 8.69 -14.23
N LYS A 39 -2.18 9.09 -14.71
CA LYS A 39 -1.56 10.33 -14.28
C LYS A 39 -1.22 11.21 -15.48
N PRO A 40 -2.25 11.82 -16.08
CA PRO A 40 -2.07 12.70 -17.25
C PRO A 40 -1.38 14.01 -16.88
N SER A 41 -0.88 14.71 -17.90
CA SER A 41 -0.19 15.97 -17.69
C SER A 41 -0.99 17.14 -18.29
N GLY A 42 -1.99 17.60 -17.54
CA GLY A 42 -2.81 18.69 -17.99
C GLY A 42 -3.58 18.36 -19.27
N PRO A 43 -4.00 19.40 -20.00
CA PRO A 43 -4.75 19.23 -21.25
C PRO A 43 -3.88 18.65 -22.37
N SER A 44 -4.53 17.96 -23.30
CA SER A 44 -3.82 17.36 -24.42
C SER A 44 -3.75 18.32 -25.62
N SER A 45 -4.92 18.76 -26.07
CA SER A 45 -5.00 19.68 -27.21
C SER A 45 -4.48 19.02 -28.47
N GLY A 46 -4.84 17.74 -28.66
CA GLY A 46 -4.40 17.02 -29.85
C GLY A 46 -5.44 16.05 -30.36
ZN ZN B . -2.99 -0.02 -2.42
N GLY A 1 13.61 2.28 17.68
CA GLY A 1 13.60 2.93 18.98
C GLY A 1 12.20 3.39 19.38
N SER A 2 11.21 2.55 19.11
CA SER A 2 9.83 2.88 19.44
C SER A 2 9.05 1.63 19.83
N SER A 3 7.93 1.82 20.52
CA SER A 3 7.09 0.71 20.96
C SER A 3 5.77 0.70 20.21
N GLY A 4 5.04 1.81 20.28
CA GLY A 4 3.76 1.90 19.61
C GLY A 4 3.00 0.60 19.61
N SER A 5 2.91 -0.04 20.78
CA SER A 5 2.20 -1.31 20.91
C SER A 5 0.73 -1.08 21.23
N SER A 6 0.12 -0.13 20.54
CA SER A 6 -1.28 0.19 20.75
C SER A 6 -2.12 -0.20 19.54
N GLY A 7 -2.99 -1.19 19.73
CA GLY A 7 -3.84 -1.65 18.65
C GLY A 7 -3.26 -2.86 17.93
N THR A 8 -3.10 -2.73 16.61
CA THR A 8 -2.55 -3.82 15.81
C THR A 8 -1.52 -3.30 14.82
N GLY A 9 -0.69 -4.20 14.29
CA GLY A 9 0.32 -3.82 13.34
C GLY A 9 0.93 -5.00 12.62
N LYS A 10 1.32 -6.03 13.39
CA LYS A 10 1.92 -7.22 12.81
C LYS A 10 1.16 -7.67 11.57
N LYS A 11 1.72 -7.36 10.40
CA LYS A 11 1.11 -7.74 9.13
C LYS A 11 2.15 -8.25 8.15
N PRO A 12 1.74 -9.20 7.29
CA PRO A 12 2.62 -9.79 6.29
C PRO A 12 2.98 -8.81 5.17
N TYR A 13 1.97 -8.18 4.60
CA TYR A 13 2.17 -7.21 3.53
C TYR A 13 1.07 -6.17 3.51
N LYS A 14 1.42 -4.92 3.81
CA LYS A 14 0.46 -3.83 3.83
C LYS A 14 0.79 -2.80 2.75
N CYS A 15 -0.25 -2.21 2.17
CA CYS A 15 -0.07 -1.20 1.13
C CYS A 15 0.17 0.17 1.74
N ASN A 16 1.34 0.75 1.47
CA ASN A 16 1.68 2.06 1.99
C ASN A 16 0.94 3.16 1.24
N GLU A 17 0.10 2.76 0.29
CA GLU A 17 -0.66 3.71 -0.50
C GLU A 17 -2.07 3.86 0.05
N CYS A 18 -2.77 2.73 0.20
CA CYS A 18 -4.13 2.74 0.72
C CYS A 18 -4.17 2.24 2.16
N GLY A 19 -3.37 1.21 2.44
CA GLY A 19 -3.32 0.66 3.79
C GLY A 19 -3.92 -0.73 3.86
N LYS A 20 -4.15 -1.33 2.70
CA LYS A 20 -4.73 -2.68 2.64
C LYS A 20 -3.69 -3.72 3.02
N VAL A 21 -4.15 -4.97 3.18
CA VAL A 21 -3.25 -6.06 3.55
C VAL A 21 -3.56 -7.31 2.71
N PHE A 22 -2.50 -8.02 2.34
CA PHE A 22 -2.65 -9.24 1.54
C PHE A 22 -1.81 -10.37 2.13
N THR A 23 -2.48 -11.47 2.48
CA THR A 23 -1.79 -12.63 3.05
C THR A 23 -0.57 -13.01 2.22
N GLN A 24 -0.59 -12.65 0.94
CA GLN A 24 0.52 -12.95 0.05
C GLN A 24 1.04 -11.68 -0.64
N ASN A 25 2.35 -11.54 -0.67
CA ASN A 25 2.98 -10.37 -1.29
C ASN A 25 2.53 -10.22 -2.74
N SER A 26 2.65 -11.29 -3.51
CA SER A 26 2.25 -11.28 -4.91
C SER A 26 0.94 -10.53 -5.10
N HIS A 27 0.00 -10.75 -4.19
CA HIS A 27 -1.30 -10.10 -4.25
C HIS A 27 -1.16 -8.59 -4.04
N LEU A 28 -0.21 -8.19 -3.21
CA LEU A 28 0.02 -6.78 -2.92
C LEU A 28 0.76 -6.11 -4.08
N ALA A 29 1.86 -6.72 -4.51
CA ALA A 29 2.64 -6.18 -5.61
C ALA A 29 1.77 -5.91 -6.84
N ARG A 30 0.91 -6.87 -7.16
CA ARG A 30 0.01 -6.75 -8.31
C ARG A 30 -1.09 -5.72 -8.03
N HIS A 31 -1.44 -5.58 -6.75
CA HIS A 31 -2.48 -4.63 -6.35
C HIS A 31 -2.02 -3.19 -6.55
N ARG A 32 -0.82 -2.88 -6.05
CA ARG A 32 -0.27 -1.54 -6.18
C ARG A 32 -0.57 -0.96 -7.55
N GLY A 33 -0.78 -1.82 -8.54
CA GLY A 33 -1.08 -1.37 -9.88
C GLY A 33 -2.28 -0.44 -9.92
N ILE A 34 -3.34 -0.81 -9.20
CA ILE A 34 -4.55 0.00 -9.16
C ILE A 34 -4.24 1.42 -8.72
N HIS A 35 -3.08 1.62 -8.11
CA HIS A 35 -2.67 2.93 -7.65
C HIS A 35 -1.87 3.66 -8.73
N THR A 36 -0.76 3.06 -9.15
CA THR A 36 0.09 3.65 -10.17
C THR A 36 -0.72 4.06 -11.39
N GLY A 37 -0.10 4.83 -12.28
CA GLY A 37 -0.78 5.28 -13.47
C GLY A 37 -1.58 6.55 -13.25
N GLU A 38 -0.94 7.70 -13.46
CA GLU A 38 -1.59 8.98 -13.28
C GLU A 38 -2.34 9.40 -14.54
N LYS A 39 -3.23 8.54 -15.01
CA LYS A 39 -4.01 8.82 -16.21
C LYS A 39 -5.16 7.83 -16.36
N PRO A 40 -6.31 8.31 -16.85
CA PRO A 40 -7.50 7.48 -17.05
C PRO A 40 -7.33 6.48 -18.18
N SER A 41 -8.16 5.45 -18.19
CA SER A 41 -8.10 4.41 -19.22
C SER A 41 -9.14 4.67 -20.31
N GLY A 42 -10.42 4.68 -19.91
CA GLY A 42 -11.48 4.92 -20.86
C GLY A 42 -12.86 4.75 -20.24
N PRO A 43 -13.35 5.81 -19.59
CA PRO A 43 -14.67 5.80 -18.94
C PRO A 43 -15.81 5.76 -19.94
N SER A 44 -15.50 6.07 -21.20
CA SER A 44 -16.51 6.07 -22.25
C SER A 44 -17.16 4.71 -22.38
N SER A 45 -18.48 4.70 -22.59
CA SER A 45 -19.22 3.46 -22.73
C SER A 45 -19.57 3.19 -24.19
N GLY A 46 -18.65 2.56 -24.90
CA GLY A 46 -18.88 2.25 -26.30
C GLY A 46 -19.60 3.36 -27.03
ZN ZN B . -3.16 0.04 -2.19
N GLY A 1 7.73 11.82 25.45
CA GLY A 1 6.57 11.34 24.72
C GLY A 1 5.61 10.59 25.63
N SER A 2 4.41 10.33 25.12
CA SER A 2 3.38 9.63 25.89
C SER A 2 2.44 8.86 24.96
N SER A 3 2.54 7.54 24.98
CA SER A 3 1.70 6.69 24.14
C SER A 3 1.67 5.26 24.67
N GLY A 4 0.53 4.60 24.51
CA GLY A 4 0.39 3.23 24.97
C GLY A 4 0.73 2.22 23.90
N SER A 5 1.08 1.00 24.32
CA SER A 5 1.43 -0.06 23.39
C SER A 5 1.55 -1.39 24.11
N SER A 6 0.80 -2.39 23.63
CA SER A 6 0.83 -3.72 24.23
C SER A 6 1.10 -4.79 23.18
N GLY A 7 2.38 -5.01 22.89
CA GLY A 7 2.76 -6.00 21.90
C GLY A 7 1.77 -6.08 20.76
N THR A 8 1.95 -5.22 19.76
CA THR A 8 1.07 -5.20 18.60
C THR A 8 1.74 -5.86 17.40
N GLY A 9 1.27 -7.06 17.06
CA GLY A 9 1.83 -7.78 15.93
C GLY A 9 1.83 -6.95 14.66
N LYS A 10 2.64 -7.37 13.70
CA LYS A 10 2.74 -6.66 12.42
C LYS A 10 2.23 -7.52 11.27
N LYS A 11 1.47 -6.91 10.37
CA LYS A 11 0.92 -7.63 9.22
C LYS A 11 2.04 -8.06 8.28
N PRO A 12 1.72 -9.03 7.40
CA PRO A 12 2.68 -9.56 6.44
C PRO A 12 3.01 -8.56 5.34
N TYR A 13 1.97 -7.99 4.72
CA TYR A 13 2.15 -7.02 3.66
C TYR A 13 0.99 -6.03 3.63
N LYS A 14 1.30 -4.76 3.90
CA LYS A 14 0.29 -3.71 3.91
C LYS A 14 0.61 -2.64 2.87
N CYS A 15 -0.41 -2.15 2.19
CA CYS A 15 -0.24 -1.12 1.17
C CYS A 15 -0.22 0.27 1.79
N ASN A 16 0.91 0.95 1.67
CA ASN A 16 1.06 2.29 2.22
C ASN A 16 0.30 3.32 1.39
N GLU A 17 -0.34 2.85 0.32
CA GLU A 17 -1.10 3.72 -0.56
C GLU A 17 -2.54 3.86 -0.07
N CYS A 18 -3.20 2.73 0.12
CA CYS A 18 -4.59 2.73 0.59
C CYS A 18 -4.67 2.25 2.04
N GLY A 19 -3.97 1.16 2.34
CA GLY A 19 -3.98 0.61 3.68
C GLY A 19 -4.51 -0.81 3.73
N LYS A 20 -4.45 -1.50 2.60
CA LYS A 20 -4.92 -2.87 2.51
C LYS A 20 -3.84 -3.85 2.94
N VAL A 21 -4.22 -5.12 3.08
CA VAL A 21 -3.27 -6.16 3.49
C VAL A 21 -3.49 -7.44 2.69
N PHE A 22 -2.39 -8.12 2.35
CA PHE A 22 -2.47 -9.36 1.59
C PHE A 22 -1.51 -10.40 2.16
N THR A 23 -2.06 -11.55 2.54
CA THR A 23 -1.25 -12.63 3.10
C THR A 23 0.01 -12.86 2.27
N GLN A 24 -0.14 -12.80 0.95
CA GLN A 24 1.00 -13.00 0.05
C GLN A 24 1.39 -11.69 -0.63
N ASN A 25 2.68 -11.38 -0.60
CA ASN A 25 3.19 -10.16 -1.21
C ASN A 25 2.77 -10.06 -2.67
N SER A 26 2.84 -11.19 -3.37
CA SER A 26 2.47 -11.23 -4.79
C SER A 26 1.10 -10.61 -5.00
N HIS A 27 0.16 -10.92 -4.12
CA HIS A 27 -1.20 -10.39 -4.21
C HIS A 27 -1.20 -8.87 -4.04
N LEU A 28 -0.25 -8.38 -3.25
CA LEU A 28 -0.13 -6.94 -3.00
C LEU A 28 0.51 -6.22 -4.19
N ALA A 29 1.67 -6.70 -4.60
CA ALA A 29 2.39 -6.11 -5.73
C ALA A 29 1.45 -5.86 -6.91
N ARG A 30 0.69 -6.88 -7.28
CA ARG A 30 -0.25 -6.77 -8.39
C ARG A 30 -1.30 -5.70 -8.10
N HIS A 31 -1.72 -5.60 -6.85
CA HIS A 31 -2.72 -4.62 -6.45
C HIS A 31 -2.16 -3.20 -6.58
N ARG A 32 -0.99 -2.97 -6.00
CA ARG A 32 -0.36 -1.66 -6.06
C ARG A 32 -0.57 -1.01 -7.42
N GLY A 33 -0.75 -1.84 -8.45
CA GLY A 33 -0.96 -1.33 -9.79
C GLY A 33 -2.12 -0.36 -9.88
N ILE A 34 -3.23 -0.70 -9.24
CA ILE A 34 -4.40 0.16 -9.24
C ILE A 34 -4.04 1.58 -8.83
N HIS A 35 -2.95 1.72 -8.09
CA HIS A 35 -2.50 3.03 -7.63
C HIS A 35 -1.68 3.73 -8.71
N THR A 36 -0.60 3.09 -9.13
CA THR A 36 0.27 3.66 -10.16
C THR A 36 -0.31 3.42 -11.55
N GLY A 37 -0.55 4.51 -12.28
CA GLY A 37 -1.08 4.40 -13.62
C GLY A 37 -2.24 5.36 -13.85
N GLU A 38 -3.23 5.32 -12.97
CA GLU A 38 -4.39 6.19 -13.08
C GLU A 38 -4.25 7.42 -12.20
N LYS A 39 -3.05 8.01 -12.20
CA LYS A 39 -2.79 9.19 -11.39
C LYS A 39 -1.74 10.08 -12.07
N PRO A 40 -1.81 11.39 -11.79
CA PRO A 40 -0.89 12.37 -12.36
C PRO A 40 0.52 12.23 -11.80
N SER A 41 1.34 11.41 -12.44
CA SER A 41 2.71 11.18 -12.00
C SER A 41 3.52 12.47 -12.07
N GLY A 42 3.51 13.11 -13.23
CA GLY A 42 4.25 14.35 -13.40
C GLY A 42 5.58 14.34 -12.69
N PRO A 43 6.45 13.37 -13.06
CA PRO A 43 7.78 13.22 -12.46
C PRO A 43 8.72 14.37 -12.86
N SER A 44 8.59 14.83 -14.09
CA SER A 44 9.43 15.91 -14.60
C SER A 44 10.85 15.80 -14.04
N SER A 45 11.37 14.58 -14.00
CA SER A 45 12.71 14.34 -13.47
C SER A 45 13.68 14.02 -14.60
N GLY A 46 14.98 14.03 -14.29
CA GLY A 46 15.99 13.73 -15.28
C GLY A 46 16.92 12.63 -14.86
ZN ZN B . -3.24 0.02 -2.24
N GLY A 1 -0.17 19.04 18.20
CA GLY A 1 -0.27 18.03 19.23
C GLY A 1 1.04 17.31 19.47
N SER A 2 0.98 15.98 19.61
CA SER A 2 2.17 15.19 19.85
C SER A 2 2.47 14.27 18.67
N SER A 3 3.62 13.64 18.69
CA SER A 3 4.03 12.74 17.61
C SER A 3 4.49 11.40 18.17
N GLY A 4 3.64 10.38 18.04
CA GLY A 4 3.97 9.06 18.53
C GLY A 4 3.62 7.96 17.55
N SER A 5 4.52 7.00 17.40
CA SER A 5 4.29 5.88 16.47
C SER A 5 4.90 4.60 17.02
N SER A 6 4.26 3.47 16.72
CA SER A 6 4.74 2.17 17.18
C SER A 6 5.32 1.38 16.03
N GLY A 7 6.27 0.49 16.34
CA GLY A 7 6.89 -0.33 15.32
C GLY A 7 6.39 -1.77 15.34
N THR A 8 5.17 -1.98 14.87
CA THR A 8 4.58 -3.32 14.85
C THR A 8 4.67 -3.92 13.45
N GLY A 9 5.45 -4.98 13.31
CA GLY A 9 5.60 -5.64 12.03
C GLY A 9 5.03 -7.05 12.02
N LYS A 10 3.73 -7.16 12.31
CA LYS A 10 3.05 -8.44 12.34
C LYS A 10 2.50 -8.80 10.96
N LYS A 11 1.71 -7.90 10.40
CA LYS A 11 1.12 -8.10 9.08
C LYS A 11 2.19 -8.50 8.06
N PRO A 12 1.81 -9.39 7.13
CA PRO A 12 2.73 -9.86 6.08
C PRO A 12 3.04 -8.77 5.06
N TYR A 13 2.01 -8.13 4.53
CA TYR A 13 2.17 -7.07 3.55
C TYR A 13 0.97 -6.15 3.53
N LYS A 14 1.22 -4.85 3.72
CA LYS A 14 0.16 -3.85 3.72
C LYS A 14 0.46 -2.74 2.73
N CYS A 15 -0.60 -2.21 2.11
CA CYS A 15 -0.46 -1.14 1.13
C CYS A 15 -0.43 0.23 1.82
N ASN A 16 0.70 0.92 1.71
CA ASN A 16 0.85 2.23 2.33
C ASN A 16 0.16 3.31 1.49
N GLU A 17 -0.54 2.87 0.45
CA GLU A 17 -1.26 3.79 -0.43
C GLU A 17 -2.72 3.90 -0.03
N CYS A 18 -3.36 2.75 0.17
CA CYS A 18 -4.77 2.71 0.55
C CYS A 18 -4.94 2.07 1.92
N GLY A 19 -4.23 0.97 2.15
CA GLY A 19 -4.32 0.28 3.42
C GLY A 19 -4.91 -1.11 3.30
N LYS A 20 -4.49 -1.84 2.27
CA LYS A 20 -4.99 -3.20 2.04
C LYS A 20 -3.90 -4.23 2.31
N VAL A 21 -4.22 -5.22 3.14
CA VAL A 21 -3.27 -6.28 3.47
C VAL A 21 -3.50 -7.51 2.61
N PHE A 22 -2.42 -8.24 2.34
CA PHE A 22 -2.49 -9.44 1.53
C PHE A 22 -1.56 -10.53 2.05
N THR A 23 -2.14 -11.61 2.56
CA THR A 23 -1.36 -12.71 3.11
C THR A 23 -0.06 -12.91 2.33
N GLN A 24 -0.16 -12.83 1.00
CA GLN A 24 1.00 -13.01 0.13
C GLN A 24 1.38 -11.70 -0.53
N ASN A 25 2.68 -11.46 -0.68
CA ASN A 25 3.17 -10.24 -1.30
C ASN A 25 2.67 -10.12 -2.73
N SER A 26 2.83 -11.20 -3.50
CA SER A 26 2.39 -11.22 -4.90
C SER A 26 1.03 -10.56 -5.05
N HIS A 27 0.12 -10.88 -4.12
CA HIS A 27 -1.22 -10.32 -4.15
C HIS A 27 -1.19 -8.80 -4.07
N LEU A 28 -0.28 -8.28 -3.24
CA LEU A 28 -0.15 -6.84 -3.07
C LEU A 28 0.54 -6.20 -4.28
N ALA A 29 1.75 -6.66 -4.58
CA ALA A 29 2.50 -6.15 -5.72
C ALA A 29 1.58 -5.91 -6.91
N ARG A 30 0.72 -6.87 -7.19
CA ARG A 30 -0.21 -6.76 -8.32
C ARG A 30 -1.28 -5.71 -8.04
N HIS A 31 -1.69 -5.60 -6.77
CA HIS A 31 -2.71 -4.64 -6.38
C HIS A 31 -2.18 -3.21 -6.49
N ARG A 32 -1.03 -2.96 -5.87
CA ARG A 32 -0.42 -1.63 -5.91
C ARG A 32 -0.59 -0.99 -7.28
N GLY A 33 -0.73 -1.84 -8.31
CA GLY A 33 -0.88 -1.33 -9.66
C GLY A 33 -2.07 -0.39 -9.79
N ILE A 34 -3.19 -0.77 -9.20
CA ILE A 34 -4.40 0.06 -9.25
C ILE A 34 -4.09 1.50 -8.90
N HIS A 35 -2.97 1.72 -8.22
CA HIS A 35 -2.55 3.07 -7.83
C HIS A 35 -1.75 3.72 -8.95
N THR A 36 -0.64 3.10 -9.31
CA THR A 36 0.23 3.64 -10.36
C THR A 36 -0.58 3.98 -11.61
N GLY A 37 0.10 4.55 -12.61
CA GLY A 37 -0.56 4.93 -13.83
C GLY A 37 -1.06 6.37 -13.81
N GLU A 38 -0.14 7.31 -14.01
CA GLU A 38 -0.50 8.72 -14.02
C GLU A 38 -1.28 9.09 -15.28
N LYS A 39 -2.57 9.35 -15.11
CA LYS A 39 -3.42 9.71 -16.24
C LYS A 39 -2.72 10.71 -17.15
N PRO A 40 -2.97 10.59 -18.47
CA PRO A 40 -2.36 11.47 -19.47
C PRO A 40 -2.92 12.89 -19.40
N SER A 41 -4.21 12.99 -19.08
CA SER A 41 -4.87 14.30 -18.99
C SER A 41 -5.44 14.51 -17.60
N GLY A 42 -4.67 15.16 -16.73
CA GLY A 42 -5.11 15.42 -15.38
C GLY A 42 -4.94 16.88 -14.98
N PRO A 43 -3.75 17.22 -14.46
CA PRO A 43 -3.44 18.58 -14.03
C PRO A 43 -3.31 19.54 -15.20
N SER A 44 -4.28 20.44 -15.32
CA SER A 44 -4.29 21.42 -16.41
C SER A 44 -3.73 22.76 -15.93
N SER A 45 -3.55 23.69 -16.86
CA SER A 45 -3.04 25.02 -16.53
C SER A 45 -3.87 26.11 -17.19
N GLY A 46 -4.73 26.75 -16.40
CA GLY A 46 -5.57 27.80 -16.93
C GLY A 46 -5.67 28.99 -15.99
ZN ZN B . -3.38 0.03 -2.33
N GLY A 1 1.93 10.94 26.58
CA GLY A 1 2.96 9.98 26.22
C GLY A 1 2.70 8.61 26.80
N SER A 2 2.17 7.71 25.97
CA SER A 2 1.86 6.36 26.40
C SER A 2 2.86 5.36 25.82
N SER A 3 2.76 4.10 26.24
CA SER A 3 3.65 3.05 25.77
C SER A 3 3.09 2.39 24.51
N GLY A 4 1.90 1.82 24.64
CA GLY A 4 1.27 1.17 23.51
C GLY A 4 2.14 0.09 22.91
N SER A 5 2.15 0.01 21.58
CA SER A 5 2.96 -0.99 20.88
C SER A 5 2.60 -2.40 21.36
N SER A 6 1.32 -2.64 21.56
CA SER A 6 0.86 -3.94 22.03
C SER A 6 -0.30 -4.44 21.17
N GLY A 7 -0.25 -5.71 20.79
CA GLY A 7 -1.29 -6.29 19.97
C GLY A 7 -1.53 -5.51 18.70
N THR A 8 -0.47 -5.35 17.90
CA THR A 8 -0.58 -4.61 16.65
C THR A 8 0.66 -4.82 15.79
N GLY A 9 0.48 -4.86 14.47
CA GLY A 9 1.59 -5.06 13.56
C GLY A 9 1.85 -6.53 13.28
N LYS A 10 0.84 -7.22 12.78
CA LYS A 10 0.97 -8.65 12.47
C LYS A 10 0.47 -8.94 11.06
N LYS A 11 0.31 -7.89 10.26
CA LYS A 11 -0.16 -8.03 8.89
C LYS A 11 0.96 -8.55 7.98
N PRO A 12 0.59 -9.39 7.01
CA PRO A 12 1.54 -9.97 6.06
C PRO A 12 2.08 -8.93 5.08
N TYR A 13 1.19 -8.16 4.48
CA TYR A 13 1.57 -7.12 3.52
C TYR A 13 0.47 -6.09 3.36
N LYS A 14 0.68 -4.90 3.91
CA LYS A 14 -0.30 -3.83 3.82
C LYS A 14 0.14 -2.78 2.81
N CYS A 15 -0.82 -2.20 2.10
CA CYS A 15 -0.53 -1.18 1.10
C CYS A 15 -0.39 0.20 1.75
N ASN A 16 0.73 0.86 1.48
CA ASN A 16 0.99 2.17 2.05
C ASN A 16 0.27 3.26 1.25
N GLU A 17 -0.34 2.86 0.15
CA GLU A 17 -1.07 3.80 -0.70
C GLU A 17 -2.50 3.99 -0.20
N CYS A 18 -3.20 2.88 0.03
CA CYS A 18 -4.57 2.91 0.50
C CYS A 18 -4.67 2.37 1.93
N GLY A 19 -3.99 1.26 2.17
CA GLY A 19 -4.01 0.65 3.49
C GLY A 19 -4.56 -0.76 3.47
N LYS A 20 -4.71 -1.31 2.27
CA LYS A 20 -5.23 -2.67 2.12
C LYS A 20 -4.28 -3.69 2.72
N VAL A 21 -4.66 -4.96 2.64
CA VAL A 21 -3.83 -6.04 3.18
C VAL A 21 -4.00 -7.32 2.37
N PHE A 22 -2.90 -8.05 2.19
CA PHE A 22 -2.93 -9.30 1.43
C PHE A 22 -1.99 -10.33 2.05
N THR A 23 -2.46 -11.57 2.12
CA THR A 23 -1.66 -12.65 2.69
C THR A 23 -0.72 -13.25 1.65
N GLN A 24 -0.31 -12.43 0.70
CA GLN A 24 0.60 -12.88 -0.37
C GLN A 24 1.28 -11.70 -1.04
N ASN A 25 2.58 -11.53 -0.76
CA ASN A 25 3.34 -10.44 -1.33
C ASN A 25 2.95 -10.20 -2.78
N SER A 26 2.67 -11.29 -3.51
CA SER A 26 2.28 -11.19 -4.91
C SER A 26 0.95 -10.48 -5.06
N HIS A 27 0.00 -10.83 -4.19
CA HIS A 27 -1.34 -10.23 -4.22
C HIS A 27 -1.25 -8.71 -4.01
N LEU A 28 -0.29 -8.28 -3.19
CA LEU A 28 -0.10 -6.86 -2.92
C LEU A 28 0.58 -6.16 -4.09
N ALA A 29 1.74 -6.69 -4.48
CA ALA A 29 2.50 -6.12 -5.60
C ALA A 29 1.59 -5.85 -6.79
N ARG A 30 0.81 -6.85 -7.18
CA ARG A 30 -0.11 -6.71 -8.31
C ARG A 30 -1.18 -5.66 -8.02
N HIS A 31 -1.60 -5.59 -6.77
CA HIS A 31 -2.62 -4.62 -6.36
C HIS A 31 -2.11 -3.20 -6.52
N ARG A 32 -0.96 -2.92 -5.94
CA ARG A 32 -0.36 -1.59 -6.01
C ARG A 32 -0.57 -0.97 -7.40
N GLY A 33 -0.73 -1.83 -8.40
CA GLY A 33 -0.94 -1.35 -9.75
C GLY A 33 -2.13 -0.42 -9.86
N ILE A 34 -3.24 -0.79 -9.23
CA ILE A 34 -4.44 0.02 -9.25
C ILE A 34 -4.14 1.47 -8.90
N HIS A 35 -3.03 1.69 -8.21
CA HIS A 35 -2.62 3.02 -7.81
C HIS A 35 -1.82 3.70 -8.92
N THR A 36 -0.78 3.02 -9.40
CA THR A 36 0.07 3.57 -10.45
C THR A 36 -0.01 2.70 -11.70
N GLY A 37 -0.53 3.27 -12.79
CA GLY A 37 -0.63 2.53 -14.04
C GLY A 37 -1.95 2.77 -14.74
N GLU A 38 -2.39 4.02 -14.77
CA GLU A 38 -3.65 4.38 -15.41
C GLU A 38 -3.43 5.45 -16.47
N LYS A 39 -2.41 5.26 -17.30
CA LYS A 39 -2.10 6.21 -18.36
C LYS A 39 -3.12 6.13 -19.48
N PRO A 40 -3.44 7.28 -20.09
CA PRO A 40 -4.41 7.37 -21.18
C PRO A 40 -3.88 6.74 -22.47
N SER A 41 -2.68 6.18 -22.40
CA SER A 41 -2.06 5.54 -23.55
C SER A 41 -3.11 4.88 -24.44
N GLY A 42 -3.98 4.09 -23.82
CA GLY A 42 -5.02 3.40 -24.56
C GLY A 42 -5.14 1.94 -24.17
N PRO A 43 -6.08 1.23 -24.81
CA PRO A 43 -6.32 -0.20 -24.54
C PRO A 43 -5.18 -1.07 -25.05
N SER A 44 -4.18 -1.29 -24.21
CA SER A 44 -3.03 -2.11 -24.57
C SER A 44 -2.69 -1.94 -26.05
N SER A 45 -2.74 -0.70 -26.53
CA SER A 45 -2.44 -0.41 -27.92
C SER A 45 -0.93 -0.31 -28.15
N GLY A 46 -0.39 -1.34 -28.80
CA GLY A 46 1.04 -1.36 -29.07
C GLY A 46 1.35 -1.72 -30.51
ZN ZN B . -3.32 0.19 -2.40
N GLY A 1 10.20 0.36 35.11
CA GLY A 1 8.75 0.34 35.00
C GLY A 1 8.26 -0.36 33.75
N SER A 2 7.38 -1.33 33.92
CA SER A 2 6.84 -2.08 32.80
C SER A 2 5.32 -1.90 32.70
N SER A 3 4.91 -0.82 32.04
CA SER A 3 3.49 -0.53 31.87
C SER A 3 3.01 -0.91 30.48
N GLY A 4 2.21 -1.97 30.40
CA GLY A 4 1.70 -2.41 29.12
C GLY A 4 2.74 -3.18 28.32
N SER A 5 2.28 -3.85 27.26
CA SER A 5 3.18 -4.64 26.42
C SER A 5 3.55 -3.85 25.16
N SER A 6 4.82 -3.98 24.74
CA SER A 6 5.30 -3.28 23.57
C SER A 6 4.43 -3.59 22.35
N GLY A 7 4.61 -2.82 21.28
CA GLY A 7 3.83 -3.02 20.07
C GLY A 7 4.32 -4.21 19.27
N THR A 8 4.00 -5.41 19.74
CA THR A 8 4.42 -6.63 19.05
C THR A 8 3.35 -7.10 18.07
N GLY A 9 3.78 -7.81 17.03
CA GLY A 9 2.85 -8.30 16.04
C GLY A 9 2.57 -7.29 14.94
N LYS A 10 2.83 -7.68 13.70
CA LYS A 10 2.60 -6.80 12.56
C LYS A 10 2.13 -7.59 11.34
N LYS A 11 1.39 -6.92 10.47
CA LYS A 11 0.88 -7.56 9.26
C LYS A 11 2.02 -7.96 8.34
N PRO A 12 1.73 -8.90 7.42
CA PRO A 12 2.72 -9.40 6.46
C PRO A 12 3.08 -8.35 5.41
N TYR A 13 2.06 -7.77 4.79
CA TYR A 13 2.28 -6.74 3.76
C TYR A 13 1.09 -5.79 3.70
N LYS A 14 1.38 -4.50 3.76
CA LYS A 14 0.34 -3.48 3.69
C LYS A 14 0.64 -2.45 2.62
N CYS A 15 -0.41 -1.92 1.99
CA CYS A 15 -0.26 -0.93 0.93
C CYS A 15 -0.10 0.47 1.53
N ASN A 16 1.04 1.10 1.27
CA ASN A 16 1.31 2.44 1.78
C ASN A 16 0.48 3.47 1.03
N GLU A 17 -0.20 3.03 -0.03
CA GLU A 17 -1.03 3.92 -0.83
C GLU A 17 -2.42 4.07 -0.23
N CYS A 18 -3.07 2.93 0.02
CA CYS A 18 -4.41 2.93 0.59
C CYS A 18 -4.39 2.37 2.01
N GLY A 19 -3.68 1.25 2.18
CA GLY A 19 -3.60 0.61 3.48
C GLY A 19 -4.13 -0.80 3.48
N LYS A 20 -4.29 -1.37 2.29
CA LYS A 20 -4.79 -2.74 2.14
C LYS A 20 -3.71 -3.75 2.49
N VAL A 21 -4.10 -4.83 3.17
CA VAL A 21 -3.16 -5.87 3.55
C VAL A 21 -3.42 -7.15 2.76
N PHE A 22 -2.34 -7.82 2.36
CA PHE A 22 -2.44 -9.06 1.59
C PHE A 22 -1.56 -10.14 2.20
N THR A 23 -2.18 -11.28 2.53
CA THR A 23 -1.45 -12.39 3.13
C THR A 23 -0.19 -12.71 2.33
N GLN A 24 -0.27 -12.55 1.01
CA GLN A 24 0.87 -12.82 0.14
C GLN A 24 1.31 -11.54 -0.59
N ASN A 25 2.62 -11.30 -0.59
CA ASN A 25 3.16 -10.12 -1.25
C ASN A 25 2.72 -10.06 -2.71
N SER A 26 2.77 -11.21 -3.38
CA SER A 26 2.38 -11.28 -4.78
C SER A 26 1.03 -10.61 -5.01
N HIS A 27 0.08 -10.89 -4.12
CA HIS A 27 -1.26 -10.32 -4.22
C HIS A 27 -1.21 -8.81 -4.09
N LEU A 28 -0.25 -8.31 -3.32
CA LEU A 28 -0.10 -6.88 -3.11
C LEU A 28 0.58 -6.22 -4.31
N ALA A 29 1.77 -6.70 -4.65
CA ALA A 29 2.51 -6.16 -5.78
C ALA A 29 1.60 -5.93 -6.98
N ARG A 30 0.71 -6.88 -7.24
CA ARG A 30 -0.22 -6.79 -8.36
C ARG A 30 -1.29 -5.75 -8.07
N HIS A 31 -1.65 -5.60 -6.81
CA HIS A 31 -2.67 -4.64 -6.40
C HIS A 31 -2.15 -3.22 -6.52
N ARG A 32 -1.00 -2.96 -5.90
CA ARG A 32 -0.41 -1.62 -5.94
C ARG A 32 -0.58 -0.99 -7.31
N GLY A 33 -0.72 -1.82 -8.34
CA GLY A 33 -0.90 -1.31 -9.69
C GLY A 33 -2.08 -0.38 -9.81
N ILE A 34 -3.20 -0.75 -9.20
CA ILE A 34 -4.41 0.07 -9.24
C ILE A 34 -4.10 1.51 -8.85
N HIS A 35 -2.99 1.70 -8.15
CA HIS A 35 -2.59 3.03 -7.72
C HIS A 35 -1.75 3.73 -8.79
N THR A 36 -0.63 3.10 -9.16
CA THR A 36 0.25 3.67 -10.18
C THR A 36 -0.55 4.31 -11.31
N GLY A 37 -1.69 3.70 -11.63
CA GLY A 37 -2.53 4.23 -12.70
C GLY A 37 -3.17 5.56 -12.33
N GLU A 38 -3.92 5.57 -11.23
CA GLU A 38 -4.59 6.78 -10.78
C GLU A 38 -3.59 7.76 -10.16
N LYS A 39 -2.75 8.34 -11.00
CA LYS A 39 -1.75 9.29 -10.53
C LYS A 39 -2.10 10.71 -10.95
N PRO A 40 -3.01 11.34 -10.19
CA PRO A 40 -3.47 12.71 -10.45
C PRO A 40 -2.37 13.74 -10.19
N SER A 41 -2.72 15.01 -10.35
CA SER A 41 -1.77 16.10 -10.12
C SER A 41 -2.05 16.81 -8.81
N GLY A 42 -1.03 17.48 -8.27
CA GLY A 42 -1.19 18.19 -7.02
C GLY A 42 -0.15 17.80 -5.99
N PRO A 43 -0.37 16.67 -5.31
CA PRO A 43 0.55 16.16 -4.28
C PRO A 43 1.86 15.66 -4.89
N SER A 44 2.90 16.49 -4.83
CA SER A 44 4.20 16.14 -5.36
C SER A 44 5.31 16.43 -4.35
N SER A 45 5.44 17.70 -3.98
CA SER A 45 6.45 18.12 -3.02
C SER A 45 6.02 17.79 -1.59
N GLY A 46 6.95 17.24 -0.82
CA GLY A 46 6.65 16.88 0.56
C GLY A 46 6.05 15.49 0.69
ZN ZN B . -3.45 0.10 -2.37
N GLY A 1 0.75 11.26 28.05
CA GLY A 1 0.80 10.23 27.05
C GLY A 1 -0.57 9.71 26.68
N SER A 2 -1.18 8.94 27.58
CA SER A 2 -2.50 8.38 27.34
C SER A 2 -2.62 7.86 25.90
N SER A 3 -1.56 7.20 25.43
CA SER A 3 -1.55 6.65 24.08
C SER A 3 -1.32 5.15 24.11
N GLY A 4 -1.76 4.48 23.04
CA GLY A 4 -1.60 3.04 22.95
C GLY A 4 -2.28 2.44 21.74
N SER A 5 -2.06 3.07 20.58
CA SER A 5 -2.67 2.60 19.34
C SER A 5 -1.59 2.30 18.30
N SER A 6 -1.02 1.10 18.38
CA SER A 6 0.02 0.69 17.44
C SER A 6 -0.28 -0.68 16.86
N GLY A 7 0.40 -1.02 15.77
CA GLY A 7 0.19 -2.31 15.13
C GLY A 7 0.55 -3.47 16.05
N THR A 8 -0.45 -4.29 16.36
CA THR A 8 -0.24 -5.44 17.24
C THR A 8 0.12 -6.69 16.43
N GLY A 9 -0.64 -6.93 15.36
CA GLY A 9 -0.39 -8.08 14.53
C GLY A 9 0.68 -7.82 13.48
N LYS A 10 1.56 -8.80 13.29
CA LYS A 10 2.63 -8.67 12.31
C LYS A 10 2.13 -8.98 10.91
N LYS A 11 1.61 -7.97 10.23
CA LYS A 11 1.09 -8.13 8.88
C LYS A 11 2.19 -8.60 7.94
N PRO A 12 1.81 -9.46 6.98
CA PRO A 12 2.76 -10.00 5.99
C PRO A 12 3.22 -8.95 5.00
N TYR A 13 2.28 -8.24 4.40
CA TYR A 13 2.59 -7.20 3.42
C TYR A 13 1.49 -6.15 3.38
N LYS A 14 1.88 -4.89 3.60
CA LYS A 14 0.93 -3.79 3.58
C LYS A 14 1.24 -2.81 2.45
N CYS A 15 0.20 -2.20 1.90
CA CYS A 15 0.37 -1.25 0.80
C CYS A 15 0.61 0.16 1.33
N ASN A 16 1.77 0.72 1.02
CA ASN A 16 2.12 2.06 1.47
C ASN A 16 1.42 3.11 0.62
N GLU A 17 0.49 2.68 -0.23
CA GLU A 17 -0.25 3.58 -1.09
C GLU A 17 -1.62 3.90 -0.50
N CYS A 18 -2.37 2.85 -0.16
CA CYS A 18 -3.70 3.01 0.42
C CYS A 18 -3.71 2.59 1.89
N GLY A 19 -3.08 1.45 2.18
CA GLY A 19 -3.03 0.97 3.54
C GLY A 19 -3.70 -0.39 3.70
N LYS A 20 -3.66 -1.19 2.64
CA LYS A 20 -4.27 -2.51 2.66
C LYS A 20 -3.22 -3.58 2.99
N VAL A 21 -3.67 -4.83 3.10
CA VAL A 21 -2.78 -5.94 3.40
C VAL A 21 -3.15 -7.18 2.60
N PHE A 22 -2.13 -7.92 2.16
CA PHE A 22 -2.36 -9.13 1.37
C PHE A 22 -1.53 -10.29 1.93
N THR A 23 -2.22 -11.33 2.39
CA THR A 23 -1.56 -12.51 2.95
C THR A 23 -0.27 -12.81 2.19
N GLN A 24 -0.30 -12.66 0.87
CA GLN A 24 0.86 -12.94 0.04
C GLN A 24 1.32 -11.66 -0.68
N ASN A 25 2.63 -11.42 -0.66
CA ASN A 25 3.19 -10.24 -1.31
C ASN A 25 2.71 -10.13 -2.75
N SER A 26 2.88 -11.21 -3.51
CA SER A 26 2.46 -11.23 -4.91
C SER A 26 1.11 -10.55 -5.08
N HIS A 27 0.16 -10.89 -4.21
CA HIS A 27 -1.17 -10.32 -4.27
C HIS A 27 -1.12 -8.80 -4.12
N LEU A 28 -0.30 -8.33 -3.18
CA LEU A 28 -0.15 -6.91 -2.93
C LEU A 28 0.51 -6.21 -4.12
N ALA A 29 1.66 -6.76 -4.55
CA ALA A 29 2.38 -6.19 -5.67
C ALA A 29 1.46 -5.91 -6.84
N ARG A 30 0.66 -6.90 -7.22
CA ARG A 30 -0.27 -6.75 -8.33
C ARG A 30 -1.32 -5.68 -8.02
N HIS A 31 -1.69 -5.57 -6.75
CA HIS A 31 -2.68 -4.59 -6.32
C HIS A 31 -2.14 -3.17 -6.47
N ARG A 32 -0.98 -2.92 -5.87
CA ARG A 32 -0.37 -1.60 -5.94
C ARG A 32 -0.55 -0.98 -7.32
N GLY A 33 -0.71 -1.83 -8.33
CA GLY A 33 -0.90 -1.34 -9.68
C GLY A 33 -2.07 -0.40 -9.81
N ILE A 34 -3.19 -0.77 -9.19
CA ILE A 34 -4.39 0.06 -9.24
C ILE A 34 -4.08 1.51 -8.92
N HIS A 35 -2.95 1.73 -8.24
CA HIS A 35 -2.54 3.08 -7.87
C HIS A 35 -1.81 3.75 -9.03
N THR A 36 -0.78 3.09 -9.54
CA THR A 36 0.00 3.62 -10.65
C THR A 36 -0.85 3.77 -11.90
N GLY A 37 -0.35 4.54 -12.87
CA GLY A 37 -1.08 4.75 -14.10
C GLY A 37 -1.86 6.05 -14.10
N GLU A 38 -1.22 7.13 -13.66
CA GLU A 38 -1.86 8.43 -13.61
C GLU A 38 -3.32 8.31 -13.23
N LYS A 39 -3.59 7.51 -12.19
CA LYS A 39 -4.95 7.30 -11.72
C LYS A 39 -5.19 8.04 -10.41
N PRO A 40 -6.41 8.58 -10.23
CA PRO A 40 -6.80 9.31 -9.02
C PRO A 40 -6.92 8.40 -7.81
N SER A 41 -5.86 8.36 -6.99
CA SER A 41 -5.85 7.52 -5.79
C SER A 41 -5.67 8.38 -4.54
N GLY A 42 -6.32 7.96 -3.46
CA GLY A 42 -6.22 8.69 -2.21
C GLY A 42 -7.12 9.92 -2.19
N PRO A 43 -8.44 9.69 -2.21
CA PRO A 43 -9.42 10.78 -2.19
C PRO A 43 -9.47 11.51 -0.85
N SER A 44 -9.36 10.74 0.23
CA SER A 44 -9.39 11.32 1.57
C SER A 44 -8.86 10.33 2.60
N SER A 45 -8.43 10.84 3.74
CA SER A 45 -7.89 10.01 4.81
C SER A 45 -8.40 10.46 6.17
N GLY A 46 -8.21 9.61 7.18
CA GLY A 46 -8.67 9.94 8.51
C GLY A 46 -8.24 8.90 9.54
ZN ZN B . -2.90 0.06 -2.27
N GLY A 1 6.79 12.55 21.27
CA GLY A 1 5.85 12.70 20.17
C GLY A 1 5.37 11.36 19.64
N SER A 2 5.17 11.29 18.32
CA SER A 2 4.70 10.06 17.69
C SER A 2 3.32 9.68 18.21
N SER A 3 2.44 10.67 18.33
CA SER A 3 1.09 10.43 18.83
C SER A 3 0.17 9.94 17.70
N GLY A 4 0.26 8.65 17.40
CA GLY A 4 -0.55 8.07 16.34
C GLY A 4 0.02 6.78 15.82
N SER A 5 0.01 5.74 16.65
CA SER A 5 0.54 4.44 16.25
C SER A 5 -0.11 3.33 17.08
N SER A 6 -0.77 2.39 16.39
CA SER A 6 -1.42 1.27 17.06
C SER A 6 -1.88 0.23 16.05
N GLY A 7 -2.05 -1.00 16.51
CA GLY A 7 -2.48 -2.07 15.63
C GLY A 7 -2.08 -3.44 16.14
N THR A 8 -2.54 -4.49 15.48
CA THR A 8 -2.23 -5.86 15.87
C THR A 8 -2.61 -6.85 14.78
N GLY A 9 -1.84 -7.93 14.68
CA GLY A 9 -2.12 -8.94 13.67
C GLY A 9 -0.87 -9.37 12.92
N LYS A 10 0.15 -8.51 12.95
CA LYS A 10 1.41 -8.80 12.26
C LYS A 10 1.17 -9.06 10.77
N LYS A 11 0.34 -8.21 10.16
CA LYS A 11 0.03 -8.34 8.74
C LYS A 11 1.27 -8.78 7.96
N PRO A 12 1.07 -9.69 6.99
CA PRO A 12 2.14 -10.21 6.15
C PRO A 12 2.67 -9.17 5.18
N TYR A 13 1.77 -8.54 4.44
CA TYR A 13 2.15 -7.52 3.47
C TYR A 13 1.07 -6.44 3.36
N LYS A 14 1.41 -5.23 3.79
CA LYS A 14 0.47 -4.11 3.74
C LYS A 14 0.88 -3.11 2.67
N CYS A 15 -0.11 -2.49 2.04
CA CYS A 15 0.14 -1.51 0.99
C CYS A 15 0.46 -0.14 1.59
N ASN A 16 1.61 0.41 1.22
CA ASN A 16 2.04 1.71 1.72
C ASN A 16 1.33 2.84 0.97
N GLU A 17 0.40 2.47 0.10
CA GLU A 17 -0.35 3.45 -0.68
C GLU A 17 -1.73 3.70 -0.07
N CYS A 18 -2.48 2.62 0.12
CA CYS A 18 -3.81 2.72 0.69
C CYS A 18 -3.84 2.14 2.10
N GLY A 19 -3.26 0.95 2.26
CA GLY A 19 -3.23 0.31 3.56
C GLY A 19 -3.86 -1.07 3.53
N LYS A 20 -4.04 -1.62 2.34
CA LYS A 20 -4.63 -2.93 2.18
C LYS A 20 -3.60 -4.03 2.44
N VAL A 21 -4.02 -5.10 3.11
CA VAL A 21 -3.13 -6.21 3.41
C VAL A 21 -3.49 -7.45 2.58
N PHE A 22 -2.47 -8.20 2.20
CA PHE A 22 -2.67 -9.40 1.39
C PHE A 22 -1.84 -10.56 1.94
N THR A 23 -2.51 -11.69 2.19
CA THR A 23 -1.84 -12.87 2.72
C THR A 23 -0.56 -13.16 1.95
N GLN A 24 -0.62 -12.99 0.63
CA GLN A 24 0.54 -13.23 -0.22
C GLN A 24 1.07 -11.94 -0.82
N ASN A 25 2.37 -11.70 -0.67
CA ASN A 25 2.99 -10.50 -1.19
C ASN A 25 2.62 -10.27 -2.65
N SER A 26 2.65 -11.35 -3.44
CA SER A 26 2.30 -11.27 -4.86
C SER A 26 1.00 -10.50 -5.05
N HIS A 27 0.02 -10.77 -4.20
CA HIS A 27 -1.28 -10.11 -4.29
C HIS A 27 -1.12 -8.60 -4.13
N LEU A 28 -0.26 -8.19 -3.20
CA LEU A 28 -0.02 -6.77 -2.96
C LEU A 28 0.70 -6.12 -4.14
N ALA A 29 1.85 -6.68 -4.49
CA ALA A 29 2.65 -6.16 -5.61
C ALA A 29 1.76 -5.89 -6.82
N ARG A 30 0.93 -6.86 -7.17
CA ARG A 30 0.04 -6.73 -8.33
C ARG A 30 -1.05 -5.70 -8.04
N HIS A 31 -1.46 -5.62 -6.78
CA HIS A 31 -2.50 -4.68 -6.38
C HIS A 31 -2.03 -3.23 -6.55
N ARG A 32 -0.83 -2.95 -6.06
CA ARG A 32 -0.26 -1.61 -6.16
C ARG A 32 -0.59 -0.98 -7.51
N GLY A 33 -0.82 -1.82 -8.51
CA GLY A 33 -1.15 -1.32 -9.84
C GLY A 33 -2.34 -0.38 -9.83
N ILE A 34 -3.38 -0.77 -9.10
CA ILE A 34 -4.59 0.06 -9.01
C ILE A 34 -4.24 1.50 -8.71
N HIS A 35 -3.06 1.73 -8.16
CA HIS A 35 -2.61 3.07 -7.82
C HIS A 35 -1.90 3.73 -9.01
N THR A 36 -1.06 2.95 -9.69
CA THR A 36 -0.32 3.46 -10.84
C THR A 36 -0.88 2.88 -12.14
N GLY A 37 -1.64 3.70 -12.87
CA GLY A 37 -2.21 3.25 -14.12
C GLY A 37 -2.28 4.36 -15.16
N GLU A 38 -2.67 5.56 -14.72
CA GLU A 38 -2.77 6.70 -15.62
C GLU A 38 -2.07 7.92 -15.03
N LYS A 39 -1.84 8.93 -15.86
CA LYS A 39 -1.19 10.15 -15.43
C LYS A 39 -2.14 11.03 -14.62
N PRO A 40 -1.61 11.71 -13.60
CA PRO A 40 -2.39 12.59 -12.73
C PRO A 40 -2.84 13.86 -13.45
N SER A 41 -2.34 14.04 -14.67
CA SER A 41 -2.70 15.22 -15.46
C SER A 41 -4.14 15.63 -15.22
N GLY A 42 -4.34 16.90 -14.91
CA GLY A 42 -5.69 17.40 -14.65
C GLY A 42 -6.36 16.69 -13.49
N PRO A 43 -7.18 17.43 -12.73
CA PRO A 43 -7.90 16.89 -11.57
C PRO A 43 -8.99 15.91 -11.98
N SER A 44 -9.84 16.35 -12.90
CA SER A 44 -10.94 15.52 -13.38
C SER A 44 -10.94 15.44 -14.90
N SER A 45 -11.70 14.49 -15.44
CA SER A 45 -11.79 14.30 -16.88
C SER A 45 -13.23 14.44 -17.37
N GLY A 46 -13.92 15.45 -16.85
CA GLY A 46 -15.30 15.68 -17.24
C GLY A 46 -16.27 14.80 -16.48
ZN ZN B . -2.90 -0.08 -2.28
N GLY A 1 24.01 2.81 7.92
CA GLY A 1 22.78 2.97 7.15
C GLY A 1 21.68 2.04 7.62
N SER A 2 20.45 2.36 7.26
CA SER A 2 19.30 1.55 7.65
C SER A 2 18.41 1.24 6.45
N SER A 3 17.83 0.04 6.44
CA SER A 3 16.98 -0.38 5.35
C SER A 3 15.55 0.12 5.56
N GLY A 4 15.30 1.37 5.17
CA GLY A 4 13.98 1.95 5.32
C GLY A 4 13.08 1.66 4.13
N SER A 5 13.05 0.40 3.72
CA SER A 5 12.23 -0.01 2.58
C SER A 5 10.91 -0.61 3.06
N SER A 6 11.00 -1.57 3.97
CA SER A 6 9.81 -2.23 4.50
C SER A 6 9.32 -1.52 5.76
N GLY A 7 8.02 -1.20 5.78
CA GLY A 7 7.44 -0.52 6.92
C GLY A 7 6.27 -1.28 7.50
N THR A 8 6.53 -2.49 7.99
CA THR A 8 5.49 -3.32 8.58
C THR A 8 6.08 -4.51 9.33
N GLY A 9 5.37 -4.99 10.33
CA GLY A 9 5.85 -6.11 11.12
C GLY A 9 4.74 -7.10 11.46
N LYS A 10 3.68 -6.60 12.09
CA LYS A 10 2.56 -7.44 12.47
C LYS A 10 1.94 -8.11 11.24
N LYS A 11 1.46 -7.29 10.30
CA LYS A 11 0.85 -7.80 9.08
C LYS A 11 1.91 -8.32 8.13
N PRO A 12 1.50 -9.25 7.25
CA PRO A 12 2.40 -9.86 6.26
C PRO A 12 2.81 -8.86 5.17
N TYR A 13 1.83 -8.18 4.60
CA TYR A 13 2.08 -7.20 3.54
C TYR A 13 0.95 -6.18 3.46
N LYS A 14 1.27 -4.93 3.77
CA LYS A 14 0.28 -3.85 3.73
C LYS A 14 0.66 -2.82 2.67
N CYS A 15 -0.36 -2.22 2.06
CA CYS A 15 -0.13 -1.21 1.03
C CYS A 15 0.14 0.15 1.66
N ASN A 16 1.26 0.76 1.27
CA ASN A 16 1.65 2.06 1.81
C ASN A 16 0.92 3.18 1.05
N GLU A 17 0.04 2.80 0.13
CA GLU A 17 -0.71 3.77 -0.65
C GLU A 17 -2.09 4.00 -0.06
N CYS A 18 -2.81 2.90 0.18
CA CYS A 18 -4.15 2.96 0.76
C CYS A 18 -4.19 2.32 2.13
N GLY A 19 -3.62 1.12 2.24
CA GLY A 19 -3.61 0.43 3.51
C GLY A 19 -4.15 -0.98 3.40
N LYS A 20 -4.27 -1.48 2.17
CA LYS A 20 -4.78 -2.83 1.93
C LYS A 20 -3.75 -3.88 2.33
N VAL A 21 -4.22 -4.96 2.93
CA VAL A 21 -3.34 -6.05 3.35
C VAL A 21 -3.63 -7.32 2.57
N PHE A 22 -2.57 -8.06 2.24
CA PHE A 22 -2.72 -9.31 1.49
C PHE A 22 -1.84 -10.40 2.10
N THR A 23 -2.44 -11.55 2.36
CA THR A 23 -1.72 -12.68 2.94
C THR A 23 -0.40 -12.92 2.20
N GLN A 24 -0.45 -12.83 0.87
CA GLN A 24 0.74 -13.03 0.06
C GLN A 24 1.23 -11.72 -0.54
N ASN A 25 2.53 -11.63 -0.76
CA ASN A 25 3.13 -10.42 -1.33
C ASN A 25 2.65 -10.21 -2.77
N SER A 26 2.70 -11.27 -3.56
CA SER A 26 2.29 -11.21 -4.96
C SER A 26 0.95 -10.51 -5.09
N HIS A 27 0.03 -10.80 -4.16
CA HIS A 27 -1.30 -10.21 -4.17
C HIS A 27 -1.20 -8.69 -3.99
N LEU A 28 -0.24 -8.25 -3.19
CA LEU A 28 -0.05 -6.83 -2.94
C LEU A 28 0.66 -6.15 -4.11
N ALA A 29 1.80 -6.70 -4.50
CA ALA A 29 2.57 -6.15 -5.62
C ALA A 29 1.67 -5.87 -6.81
N ARG A 30 0.84 -6.84 -7.18
CA ARG A 30 -0.07 -6.70 -8.31
C ARG A 30 -1.14 -5.65 -8.01
N HIS A 31 -1.57 -5.59 -6.75
CA HIS A 31 -2.59 -4.64 -6.34
C HIS A 31 -2.09 -3.20 -6.50
N ARG A 32 -0.93 -2.93 -5.92
CA ARG A 32 -0.34 -1.59 -6.00
C ARG A 32 -0.57 -0.97 -7.38
N GLY A 33 -0.73 -1.82 -8.38
CA GLY A 33 -0.96 -1.34 -9.73
C GLY A 33 -2.15 -0.41 -9.82
N ILE A 34 -3.26 -0.81 -9.18
CA ILE A 34 -4.47 0.00 -9.19
C ILE A 34 -4.17 1.45 -8.89
N HIS A 35 -3.04 1.70 -8.22
CA HIS A 35 -2.64 3.05 -7.87
C HIS A 35 -1.93 3.73 -9.04
N THR A 36 -0.89 3.07 -9.56
CA THR A 36 -0.12 3.60 -10.67
C THR A 36 -0.24 2.71 -11.90
N GLY A 37 -0.46 3.33 -13.05
CA GLY A 37 -0.58 2.58 -14.29
C GLY A 37 -0.90 3.46 -15.48
N GLU A 38 -0.04 3.42 -16.49
CA GLU A 38 -0.23 4.23 -17.69
C GLU A 38 -0.14 3.37 -18.95
N LYS A 39 -1.14 3.50 -19.82
CA LYS A 39 -1.18 2.73 -21.06
C LYS A 39 -0.93 3.64 -22.27
N PRO A 40 0.35 3.92 -22.53
CA PRO A 40 0.75 4.78 -23.66
C PRO A 40 0.52 4.10 -25.00
N SER A 41 -0.25 4.76 -25.87
CA SER A 41 -0.54 4.22 -27.19
C SER A 41 0.73 4.02 -27.99
N GLY A 42 0.71 3.02 -28.88
CA GLY A 42 1.88 2.73 -29.70
C GLY A 42 1.68 1.52 -30.59
N PRO A 43 2.42 1.47 -31.70
CA PRO A 43 2.34 0.36 -32.66
C PRO A 43 2.91 -0.93 -32.10
N SER A 44 3.49 -0.85 -30.91
CA SER A 44 4.08 -2.02 -30.26
C SER A 44 3.03 -3.11 -30.06
N SER A 45 3.31 -4.30 -30.58
CA SER A 45 2.39 -5.42 -30.47
C SER A 45 3.01 -6.55 -29.63
N GLY A 46 2.19 -7.52 -29.26
CA GLY A 46 2.68 -8.64 -28.47
C GLY A 46 1.59 -9.26 -27.62
ZN ZN B . -3.30 0.09 -2.19
N GLY A 1 4.98 14.51 27.64
CA GLY A 1 3.54 14.55 27.80
C GLY A 1 2.85 13.35 27.18
N SER A 2 1.98 13.61 26.21
CA SER A 2 1.25 12.54 25.54
C SER A 2 2.15 11.34 25.27
N SER A 3 1.81 10.21 25.87
CA SER A 3 2.60 8.99 25.70
C SER A 3 1.71 7.84 25.26
N GLY A 4 2.34 6.80 24.69
CA GLY A 4 1.60 5.65 24.24
C GLY A 4 1.93 5.29 22.80
N SER A 5 3.20 5.00 22.54
CA SER A 5 3.65 4.64 21.20
C SER A 5 4.42 3.33 21.22
N SER A 6 3.69 2.21 21.14
CA SER A 6 4.30 0.89 21.16
C SER A 6 3.81 0.06 19.97
N GLY A 7 4.72 -0.19 19.03
CA GLY A 7 4.37 -0.97 17.86
C GLY A 7 4.67 -0.25 16.56
N THR A 8 5.37 -0.93 15.65
CA THR A 8 5.72 -0.34 14.37
C THR A 8 4.94 -0.99 13.23
N GLY A 9 4.99 -2.32 13.17
CA GLY A 9 4.29 -3.04 12.13
C GLY A 9 4.45 -4.54 12.24
N LYS A 10 3.35 -5.25 12.38
CA LYS A 10 3.37 -6.71 12.50
C LYS A 10 2.57 -7.36 11.39
N LYS A 11 2.75 -6.86 10.16
CA LYS A 11 2.04 -7.41 9.01
C LYS A 11 3.04 -7.89 7.95
N PRO A 12 2.62 -8.89 7.17
CA PRO A 12 3.45 -9.47 6.10
C PRO A 12 3.64 -8.50 4.93
N TYR A 13 2.53 -7.95 4.44
CA TYR A 13 2.58 -7.01 3.33
C TYR A 13 1.35 -6.12 3.32
N LYS A 14 1.56 -4.84 3.65
CA LYS A 14 0.46 -3.87 3.69
C LYS A 14 0.69 -2.76 2.67
N CYS A 15 -0.39 -2.27 2.08
CA CYS A 15 -0.31 -1.20 1.09
C CYS A 15 -0.22 0.17 1.77
N ASN A 16 0.94 0.82 1.64
CA ASN A 16 1.14 2.13 2.25
C ASN A 16 0.38 3.21 1.48
N GLU A 17 -0.32 2.79 0.43
CA GLU A 17 -1.10 3.73 -0.38
C GLU A 17 -2.53 3.84 0.14
N CYS A 18 -3.17 2.70 0.33
CA CYS A 18 -4.55 2.67 0.81
C CYS A 18 -4.61 2.07 2.22
N GLY A 19 -3.80 1.05 2.46
CA GLY A 19 -3.78 0.40 3.76
C GLY A 19 -4.42 -0.97 3.74
N LYS A 20 -4.07 -1.76 2.74
CA LYS A 20 -4.60 -3.12 2.62
C LYS A 20 -3.50 -4.16 2.75
N VAL A 21 -3.75 -5.18 3.57
CA VAL A 21 -2.79 -6.24 3.78
C VAL A 21 -3.12 -7.46 2.94
N PHE A 22 -2.07 -8.16 2.48
CA PHE A 22 -2.26 -9.35 1.65
C PHE A 22 -1.34 -10.48 2.11
N THR A 23 -1.94 -11.56 2.60
CA THR A 23 -1.18 -12.71 3.08
C THR A 23 0.03 -12.96 2.19
N GLN A 24 -0.15 -12.81 0.89
CA GLN A 24 0.95 -13.02 -0.06
C GLN A 24 1.37 -11.72 -0.72
N ASN A 25 2.67 -11.46 -0.71
CA ASN A 25 3.20 -10.23 -1.31
C ASN A 25 2.75 -10.08 -2.75
N SER A 26 2.78 -11.19 -3.48
CA SER A 26 2.37 -11.20 -4.88
C SER A 26 0.99 -10.57 -5.06
N HIS A 27 0.11 -10.82 -4.09
CA HIS A 27 -1.25 -10.29 -4.13
C HIS A 27 -1.24 -8.78 -3.90
N LEU A 28 -0.22 -8.29 -3.20
CA LEU A 28 -0.10 -6.87 -2.91
C LEU A 28 0.55 -6.14 -4.08
N ALA A 29 1.69 -6.64 -4.53
CA ALA A 29 2.40 -6.03 -5.65
C ALA A 29 1.47 -5.83 -6.85
N ARG A 30 0.75 -6.89 -7.21
CA ARG A 30 -0.18 -6.83 -8.34
C ARG A 30 -1.25 -5.78 -8.11
N HIS A 31 -1.64 -5.61 -6.85
CA HIS A 31 -2.68 -4.64 -6.49
C HIS A 31 -2.15 -3.22 -6.64
N ARG A 32 -0.98 -2.95 -6.05
CA ARG A 32 -0.37 -1.63 -6.12
C ARG A 32 -0.57 -1.00 -7.49
N GLY A 33 -0.74 -1.85 -8.51
CA GLY A 33 -0.95 -1.35 -9.86
C GLY A 33 -2.11 -0.38 -9.95
N ILE A 34 -3.22 -0.73 -9.31
CA ILE A 34 -4.41 0.11 -9.32
C ILE A 34 -4.09 1.51 -8.79
N HIS A 35 -2.97 1.63 -8.09
CA HIS A 35 -2.55 2.91 -7.53
C HIS A 35 -1.64 3.66 -8.49
N THR A 36 -0.46 3.10 -8.75
CA THR A 36 0.50 3.71 -9.65
C THR A 36 -0.12 3.99 -11.02
N GLY A 37 0.69 4.47 -11.95
CA GLY A 37 0.20 4.76 -13.29
C GLY A 37 -0.20 6.21 -13.45
N GLU A 38 -0.87 6.76 -12.45
CA GLU A 38 -1.31 8.15 -12.48
C GLU A 38 -0.19 9.08 -12.04
N LYS A 39 0.18 10.01 -12.92
CA LYS A 39 1.24 10.96 -12.62
C LYS A 39 1.22 11.37 -11.15
N PRO A 40 2.41 11.57 -10.58
CA PRO A 40 2.55 11.97 -9.17
C PRO A 40 2.07 13.38 -8.92
N SER A 41 2.03 13.77 -7.64
CA SER A 41 1.59 15.12 -7.27
C SER A 41 2.73 15.91 -6.65
N GLY A 42 3.94 15.72 -7.18
CA GLY A 42 5.10 16.43 -6.67
C GLY A 42 6.24 16.48 -7.68
N PRO A 43 7.45 16.77 -7.19
CA PRO A 43 8.64 16.87 -8.03
C PRO A 43 9.08 15.50 -8.57
N SER A 44 9.49 15.49 -9.84
CA SER A 44 9.93 14.25 -10.48
C SER A 44 11.21 13.74 -9.84
N SER A 45 11.46 12.43 -9.98
CA SER A 45 12.65 11.81 -9.41
C SER A 45 13.77 11.76 -10.44
N GLY A 46 14.97 11.45 -9.97
CA GLY A 46 16.12 11.37 -10.86
C GLY A 46 16.93 10.11 -10.65
ZN ZN B . -3.48 -0.20 -2.21
N GLY A 1 13.17 15.42 24.03
CA GLY A 1 12.54 14.31 23.35
C GLY A 1 11.25 14.72 22.65
N SER A 2 10.15 14.72 23.39
CA SER A 2 8.85 15.08 22.84
C SER A 2 8.48 14.18 21.67
N SER A 3 8.75 12.89 21.82
CA SER A 3 8.45 11.91 20.78
C SER A 3 8.02 10.58 21.38
N GLY A 4 7.62 9.65 20.52
CA GLY A 4 7.19 8.34 20.98
C GLY A 4 6.81 7.42 19.85
N SER A 5 7.59 6.35 19.66
CA SER A 5 7.33 5.39 18.60
C SER A 5 6.37 4.31 19.07
N SER A 6 5.19 4.26 18.47
CA SER A 6 4.19 3.27 18.83
C SER A 6 3.16 3.10 17.71
N GLY A 7 2.69 1.88 17.51
CA GLY A 7 1.71 1.62 16.48
C GLY A 7 2.34 1.31 15.14
N THR A 8 3.34 0.42 15.14
CA THR A 8 4.04 0.05 13.91
C THR A 8 3.18 -0.88 13.06
N GLY A 9 2.83 -2.03 13.61
CA GLY A 9 2.02 -2.99 12.88
C GLY A 9 2.69 -4.33 12.73
N LYS A 10 1.89 -5.39 12.65
CA LYS A 10 2.42 -6.74 12.50
C LYS A 10 1.65 -7.51 11.43
N LYS A 11 1.88 -7.15 10.18
CA LYS A 11 1.22 -7.80 9.06
C LYS A 11 2.23 -8.37 8.08
N PRO A 12 1.79 -9.32 7.24
CA PRO A 12 2.65 -9.96 6.23
C PRO A 12 3.03 -9.00 5.11
N TYR A 13 2.04 -8.35 4.53
CA TYR A 13 2.28 -7.41 3.44
C TYR A 13 1.19 -6.33 3.39
N LYS A 14 1.60 -5.09 3.65
CA LYS A 14 0.67 -3.97 3.64
C LYS A 14 1.05 -2.95 2.58
N CYS A 15 0.05 -2.39 1.91
CA CYS A 15 0.29 -1.40 0.86
C CYS A 15 0.62 -0.04 1.47
N ASN A 16 1.80 0.47 1.13
CA ASN A 16 2.23 1.77 1.65
C ASN A 16 1.55 2.91 0.91
N GLU A 17 0.57 2.57 0.06
CA GLU A 17 -0.16 3.56 -0.71
C GLU A 17 -1.52 3.85 -0.07
N CYS A 18 -2.29 2.80 0.18
CA CYS A 18 -3.61 2.92 0.78
C CYS A 18 -3.62 2.38 2.21
N GLY A 19 -3.03 1.20 2.39
CA GLY A 19 -2.99 0.59 3.69
C GLY A 19 -3.57 -0.80 3.71
N LYS A 20 -3.90 -1.33 2.54
CA LYS A 20 -4.47 -2.65 2.41
C LYS A 20 -3.47 -3.72 2.82
N VAL A 21 -3.95 -4.95 3.02
CA VAL A 21 -3.09 -6.05 3.41
C VAL A 21 -3.43 -7.32 2.63
N PHE A 22 -2.41 -8.11 2.31
CA PHE A 22 -2.61 -9.35 1.57
C PHE A 22 -1.74 -10.47 2.14
N THR A 23 -2.35 -11.64 2.32
CA THR A 23 -1.63 -12.79 2.86
C THR A 23 -0.40 -13.11 2.03
N GLN A 24 -0.52 -12.93 0.72
CA GLN A 24 0.59 -13.21 -0.20
C GLN A 24 1.09 -11.92 -0.85
N ASN A 25 2.39 -11.68 -0.75
CA ASN A 25 2.99 -10.49 -1.33
C ASN A 25 2.53 -10.29 -2.77
N SER A 26 2.59 -11.36 -3.55
CA SER A 26 2.17 -11.30 -4.95
C SER A 26 0.87 -10.52 -5.11
N HIS A 27 -0.06 -10.74 -4.19
CA HIS A 27 -1.34 -10.06 -4.22
C HIS A 27 -1.16 -8.56 -4.05
N LEU A 28 -0.24 -8.17 -3.18
CA LEU A 28 0.03 -6.75 -2.92
C LEU A 28 0.74 -6.12 -4.10
N ALA A 29 1.91 -6.66 -4.45
CA ALA A 29 2.69 -6.14 -5.56
C ALA A 29 1.80 -5.86 -6.77
N ARG A 30 0.98 -6.85 -7.13
CA ARG A 30 0.09 -6.70 -8.28
C ARG A 30 -1.01 -5.69 -7.99
N HIS A 31 -1.40 -5.59 -6.72
CA HIS A 31 -2.45 -4.65 -6.31
C HIS A 31 -1.98 -3.21 -6.50
N ARG A 32 -0.79 -2.91 -6.00
CA ARG A 32 -0.23 -1.56 -6.12
C ARG A 32 -0.55 -0.96 -7.49
N GLY A 33 -0.76 -1.83 -8.47
CA GLY A 33 -1.07 -1.35 -9.82
C GLY A 33 -2.28 -0.44 -9.85
N ILE A 34 -3.34 -0.83 -9.13
CA ILE A 34 -4.56 -0.04 -9.09
C ILE A 34 -4.25 1.43 -8.80
N HIS A 35 -3.12 1.67 -8.16
CA HIS A 35 -2.71 3.03 -7.82
C HIS A 35 -2.09 3.72 -9.04
N THR A 36 -1.04 3.13 -9.60
CA THR A 36 -0.37 3.68 -10.76
C THR A 36 -1.33 3.85 -11.93
N GLY A 37 -1.95 2.75 -12.34
CA GLY A 37 -2.88 2.79 -13.45
C GLY A 37 -2.37 2.07 -14.67
N GLU A 38 -2.43 2.73 -15.82
CA GLU A 38 -1.97 2.14 -17.07
C GLU A 38 -0.66 2.79 -17.54
N LYS A 39 0.41 2.54 -16.80
CA LYS A 39 1.71 3.10 -17.14
C LYS A 39 2.75 1.99 -17.31
N PRO A 40 3.62 2.15 -18.33
CA PRO A 40 4.68 1.18 -18.62
C PRO A 40 5.77 1.16 -17.56
N SER A 41 6.73 0.26 -17.72
CA SER A 41 7.83 0.15 -16.77
C SER A 41 9.11 0.73 -17.35
N GLY A 42 9.95 1.28 -16.49
CA GLY A 42 11.21 1.87 -16.94
C GLY A 42 12.35 1.60 -15.97
N PRO A 43 13.54 1.32 -16.52
CA PRO A 43 14.74 1.05 -15.73
C PRO A 43 15.24 2.28 -15.00
N SER A 44 15.24 2.22 -13.67
CA SER A 44 15.69 3.34 -12.85
C SER A 44 17.05 3.02 -12.20
N SER A 45 17.07 1.96 -11.41
CA SER A 45 18.30 1.55 -10.73
C SER A 45 19.00 0.44 -11.51
N GLY A 46 20.23 0.13 -11.10
CA GLY A 46 21.00 -0.90 -11.77
C GLY A 46 22.19 -0.35 -12.53
ZN ZN B . -2.91 0.07 -2.25
N GLY A 1 6.37 18.12 13.15
CA GLY A 1 6.00 17.18 14.18
C GLY A 1 7.05 17.06 15.27
N SER A 2 7.02 15.95 16.01
CA SER A 2 7.97 15.73 17.09
C SER A 2 8.79 14.46 16.84
N SER A 3 8.09 13.33 16.78
CA SER A 3 8.75 12.05 16.54
C SER A 3 7.73 10.95 16.30
N GLY A 4 8.16 9.88 15.64
CA GLY A 4 7.27 8.76 15.35
C GLY A 4 6.91 7.97 16.59
N SER A 5 5.95 7.07 16.46
CA SER A 5 5.50 6.26 17.58
C SER A 5 5.51 4.77 17.21
N SER A 6 4.70 4.42 16.22
CA SER A 6 4.60 3.03 15.76
C SER A 6 5.96 2.51 15.35
N GLY A 7 6.09 1.19 15.30
CA GLY A 7 7.35 0.57 14.92
C GLY A 7 7.20 -0.90 14.60
N THR A 8 6.74 -1.67 15.57
CA THR A 8 6.54 -3.11 15.39
C THR A 8 5.32 -3.40 14.53
N GLY A 9 5.55 -4.04 13.38
CA GLY A 9 4.46 -4.38 12.49
C GLY A 9 4.22 -5.87 12.38
N LYS A 10 3.05 -6.31 12.78
CA LYS A 10 2.70 -7.73 12.72
C LYS A 10 1.92 -8.06 11.46
N LYS A 11 2.38 -7.51 10.34
CA LYS A 11 1.73 -7.74 9.05
C LYS A 11 2.73 -8.25 8.02
N PRO A 12 2.26 -9.17 7.15
CA PRO A 12 3.09 -9.76 6.10
C PRO A 12 3.44 -8.76 5.01
N TYR A 13 2.43 -8.04 4.52
CA TYR A 13 2.63 -7.05 3.47
C TYR A 13 1.47 -6.06 3.43
N LYS A 14 1.75 -4.82 3.82
CA LYS A 14 0.73 -3.77 3.83
C LYS A 14 1.03 -2.72 2.77
N CYS A 15 -0.02 -2.21 2.14
CA CYS A 15 0.13 -1.19 1.11
C CYS A 15 0.29 0.20 1.74
N ASN A 16 1.44 0.82 1.51
CA ASN A 16 1.71 2.15 2.04
C ASN A 16 1.01 3.23 1.22
N GLU A 17 0.33 2.80 0.17
CA GLU A 17 -0.39 3.73 -0.70
C GLU A 17 -1.83 3.92 -0.23
N CYS A 18 -2.49 2.82 0.08
CA CYS A 18 -3.88 2.87 0.54
C CYS A 18 -3.99 2.30 1.96
N GLY A 19 -3.27 1.22 2.22
CA GLY A 19 -3.30 0.62 3.54
C GLY A 19 -4.02 -0.73 3.54
N LYS A 20 -3.72 -1.55 2.54
CA LYS A 20 -4.33 -2.87 2.43
C LYS A 20 -3.30 -3.97 2.62
N VAL A 21 -3.62 -4.93 3.49
CA VAL A 21 -2.71 -6.04 3.76
C VAL A 21 -3.06 -7.26 2.91
N PHE A 22 -2.05 -7.97 2.45
CA PHE A 22 -2.25 -9.15 1.62
C PHE A 22 -1.42 -10.32 2.15
N THR A 23 -2.10 -11.40 2.53
CA THR A 23 -1.43 -12.58 3.04
C THR A 23 -0.20 -12.92 2.21
N GLN A 24 -0.27 -12.67 0.91
CA GLN A 24 0.83 -12.94 0.01
C GLN A 24 1.27 -11.69 -0.72
N ASN A 25 2.57 -11.40 -0.68
CA ASN A 25 3.12 -10.22 -1.34
C ASN A 25 2.63 -10.13 -2.78
N SER A 26 2.71 -11.24 -3.50
CA SER A 26 2.28 -11.29 -4.89
C SER A 26 0.95 -10.58 -5.07
N HIS A 27 0.01 -10.84 -4.16
CA HIS A 27 -1.30 -10.23 -4.22
C HIS A 27 -1.21 -8.71 -4.07
N LEU A 28 -0.27 -8.27 -3.24
CA LEU A 28 -0.07 -6.84 -3.01
C LEU A 28 0.63 -6.19 -4.19
N ALA A 29 1.81 -6.69 -4.52
CA ALA A 29 2.59 -6.15 -5.63
C ALA A 29 1.70 -5.90 -6.84
N ARG A 30 0.85 -6.87 -7.17
CA ARG A 30 -0.05 -6.74 -8.31
C ARG A 30 -1.13 -5.70 -8.04
N HIS A 31 -1.58 -5.63 -6.78
CA HIS A 31 -2.61 -4.68 -6.39
C HIS A 31 -2.10 -3.24 -6.53
N ARG A 32 -0.93 -2.98 -5.96
CA ARG A 32 -0.34 -1.65 -6.01
C ARG A 32 -0.59 -1.00 -7.38
N GLY A 33 -0.75 -1.83 -8.40
CA GLY A 33 -0.99 -1.32 -9.74
C GLY A 33 -2.18 -0.38 -9.79
N ILE A 34 -3.28 -0.77 -9.16
CA ILE A 34 -4.48 0.03 -9.14
C ILE A 34 -4.16 1.49 -8.80
N HIS A 35 -3.00 1.71 -8.18
CA HIS A 35 -2.59 3.05 -7.80
C HIS A 35 -1.83 3.72 -8.95
N THR A 36 -0.98 2.95 -9.62
CA THR A 36 -0.20 3.48 -10.74
C THR A 36 -1.04 3.54 -12.01
N GLY A 37 -0.48 4.17 -13.05
CA GLY A 37 -1.19 4.27 -14.31
C GLY A 37 -0.53 3.48 -15.41
N GLU A 38 -1.10 2.33 -15.75
CA GLU A 38 -0.56 1.48 -16.79
C GLU A 38 -1.02 1.94 -18.17
N LYS A 39 -0.13 2.58 -18.90
CA LYS A 39 -0.44 3.08 -20.24
C LYS A 39 -0.85 1.94 -21.16
N PRO A 40 -1.68 2.27 -22.17
CA PRO A 40 -2.17 1.28 -23.14
C PRO A 40 -1.06 0.78 -24.07
N SER A 41 -0.78 -0.52 -24.00
CA SER A 41 0.26 -1.12 -24.83
C SER A 41 0.24 -0.52 -26.23
N GLY A 42 1.40 -0.51 -26.88
CA GLY A 42 1.49 0.03 -28.23
C GLY A 42 2.66 -0.54 -29.01
N PRO A 43 3.88 -0.06 -28.70
CA PRO A 43 5.10 -0.52 -29.35
C PRO A 43 5.47 -1.94 -28.98
N SER A 44 6.25 -2.60 -29.83
CA SER A 44 6.68 -3.97 -29.60
C SER A 44 7.79 -4.02 -28.55
N SER A 45 7.85 -5.13 -27.82
CA SER A 45 8.85 -5.31 -26.78
C SER A 45 8.83 -6.72 -26.23
N GLY A 46 9.96 -7.19 -25.72
CA GLY A 46 10.04 -8.53 -25.16
C GLY A 46 10.83 -9.46 -26.03
ZN ZN B . -2.92 -0.13 -2.29
N GLY A 1 -14.87 15.80 24.26
CA GLY A 1 -14.72 14.55 23.54
C GLY A 1 -13.62 13.69 24.11
N SER A 2 -13.98 12.57 24.72
CA SER A 2 -13.01 11.65 25.30
C SER A 2 -12.79 10.43 24.40
N SER A 3 -11.55 10.28 23.92
CA SER A 3 -11.21 9.18 23.04
C SER A 3 -9.71 9.13 22.78
N GLY A 4 -9.24 8.04 22.18
CA GLY A 4 -7.83 7.90 21.89
C GLY A 4 -7.22 6.67 22.55
N SER A 5 -6.58 5.83 21.74
CA SER A 5 -5.95 4.62 22.25
C SER A 5 -4.85 4.14 21.31
N SER A 6 -3.79 3.59 21.89
CA SER A 6 -2.67 3.08 21.10
C SER A 6 -3.14 2.12 20.00
N GLY A 7 -2.53 2.21 18.83
CA GLY A 7 -2.90 1.35 17.73
C GLY A 7 -1.99 0.14 17.61
N THR A 8 -2.58 -1.05 17.58
CA THR A 8 -1.81 -2.28 17.46
C THR A 8 -2.41 -3.21 16.41
N GLY A 9 -1.54 -3.91 15.69
CA GLY A 9 -2.00 -4.82 14.66
C GLY A 9 -0.86 -5.44 13.89
N LYS A 10 -0.90 -6.76 13.73
CA LYS A 10 0.14 -7.50 13.01
C LYS A 10 -0.38 -8.00 11.67
N LYS A 11 0.38 -7.75 10.62
CA LYS A 11 0.00 -8.17 9.27
C LYS A 11 1.24 -8.55 8.46
N PRO A 12 1.05 -9.47 7.49
CA PRO A 12 2.12 -9.93 6.61
C PRO A 12 2.60 -8.85 5.65
N TYR A 13 1.65 -8.21 4.97
CA TYR A 13 1.97 -7.16 4.01
C TYR A 13 0.83 -6.15 3.91
N LYS A 14 1.17 -4.88 4.04
CA LYS A 14 0.17 -3.81 3.98
C LYS A 14 0.55 -2.79 2.90
N CYS A 15 -0.45 -2.21 2.26
CA CYS A 15 -0.22 -1.22 1.22
C CYS A 15 -0.11 0.18 1.81
N ASN A 16 1.05 0.81 1.61
CA ASN A 16 1.29 2.15 2.12
C ASN A 16 0.63 3.20 1.25
N GLU A 17 -0.20 2.75 0.31
CA GLU A 17 -0.91 3.65 -0.59
C GLU A 17 -2.34 3.87 -0.12
N CYS A 18 -3.05 2.78 0.11
CA CYS A 18 -4.44 2.85 0.55
C CYS A 18 -4.57 2.40 2.00
N GLY A 19 -3.91 1.29 2.33
CA GLY A 19 -3.96 0.78 3.69
C GLY A 19 -4.55 -0.62 3.76
N LYS A 20 -4.42 -1.37 2.66
CA LYS A 20 -4.95 -2.72 2.61
C LYS A 20 -3.89 -3.73 3.04
N VAL A 21 -4.27 -5.01 3.03
CA VAL A 21 -3.35 -6.07 3.42
C VAL A 21 -3.61 -7.34 2.61
N PHE A 22 -2.53 -8.05 2.27
CA PHE A 22 -2.64 -9.28 1.49
C PHE A 22 -1.77 -10.38 2.09
N THR A 23 -2.40 -11.52 2.39
CA THR A 23 -1.68 -12.64 2.97
C THR A 23 -0.36 -12.89 2.27
N GLN A 24 -0.37 -12.75 0.95
CA GLN A 24 0.84 -12.95 0.14
C GLN A 24 1.30 -11.64 -0.49
N ASN A 25 2.61 -11.54 -0.72
CA ASN A 25 3.18 -10.34 -1.31
C ASN A 25 2.68 -10.16 -2.75
N SER A 26 2.80 -11.20 -3.55
CA SER A 26 2.37 -11.15 -4.94
C SER A 26 1.02 -10.45 -5.07
N HIS A 27 0.09 -10.83 -4.19
CA HIS A 27 -1.25 -10.23 -4.20
C HIS A 27 -1.17 -8.73 -4.04
N LEU A 28 -0.28 -8.27 -3.16
CA LEU A 28 -0.11 -6.84 -2.92
C LEU A 28 0.59 -6.16 -4.08
N ALA A 29 1.70 -6.75 -4.52
CA ALA A 29 2.46 -6.20 -5.65
C ALA A 29 1.55 -5.91 -6.83
N ARG A 30 0.74 -6.89 -7.20
CA ARG A 30 -0.18 -6.75 -8.33
C ARG A 30 -1.24 -5.68 -8.04
N HIS A 31 -1.63 -5.59 -6.77
CA HIS A 31 -2.64 -4.62 -6.35
C HIS A 31 -2.11 -3.19 -6.51
N ARG A 32 -0.95 -2.93 -5.93
CA ARG A 32 -0.33 -1.61 -6.01
C ARG A 32 -0.55 -0.99 -7.39
N GLY A 33 -0.72 -1.84 -8.39
CA GLY A 33 -0.93 -1.36 -9.75
C GLY A 33 -2.10 -0.42 -9.85
N ILE A 34 -3.21 -0.79 -9.22
CA ILE A 34 -4.42 0.03 -9.25
C ILE A 34 -4.10 1.48 -8.90
N HIS A 35 -3.01 1.69 -8.17
CA HIS A 35 -2.60 3.03 -7.77
C HIS A 35 -1.85 3.73 -8.91
N THR A 36 -0.81 3.09 -9.41
CA THR A 36 -0.02 3.65 -10.50
C THR A 36 -0.69 3.41 -11.85
N GLY A 37 -1.61 4.29 -12.21
CA GLY A 37 -2.32 4.15 -13.48
C GLY A 37 -2.63 5.49 -14.11
N GLU A 38 -3.19 6.40 -13.32
CA GLU A 38 -3.54 7.72 -13.82
C GLU A 38 -3.01 8.81 -12.89
N LYS A 39 -1.94 9.47 -13.31
CA LYS A 39 -1.33 10.53 -12.51
C LYS A 39 -2.21 11.77 -12.51
N PRO A 40 -2.27 12.45 -11.35
CA PRO A 40 -3.08 13.66 -11.19
C PRO A 40 -2.49 14.85 -11.96
N SER A 41 -3.29 15.91 -12.09
CA SER A 41 -2.86 17.10 -12.81
C SER A 41 -1.48 17.55 -12.32
N GLY A 42 -0.84 18.42 -13.10
CA GLY A 42 0.47 18.91 -12.75
C GLY A 42 0.83 20.20 -13.46
N PRO A 43 0.36 21.33 -12.91
CA PRO A 43 0.62 22.66 -13.49
C PRO A 43 2.08 23.08 -13.36
N SER A 44 2.89 22.70 -14.34
CA SER A 44 4.31 23.03 -14.34
C SER A 44 4.63 24.08 -15.40
N SER A 45 4.16 23.84 -16.62
CA SER A 45 4.39 24.75 -17.73
C SER A 45 3.41 25.92 -17.69
N GLY A 46 3.83 27.02 -17.06
CA GLY A 46 2.97 28.19 -16.97
C GLY A 46 1.88 28.02 -15.92
ZN ZN B . -3.08 0.08 -2.22
N GLY A 1 12.19 12.41 32.76
CA GLY A 1 12.38 11.00 32.50
C GLY A 1 11.83 10.57 31.15
N SER A 2 11.73 9.26 30.94
CA SER A 2 11.21 8.73 29.69
C SER A 2 10.81 7.27 29.84
N SER A 3 9.57 6.95 29.45
CA SER A 3 9.06 5.59 29.55
C SER A 3 8.03 5.31 28.47
N GLY A 4 8.09 4.11 27.90
CA GLY A 4 7.15 3.75 26.85
C GLY A 4 7.58 2.50 26.10
N SER A 5 8.39 2.67 25.06
CA SER A 5 8.86 1.55 24.27
C SER A 5 7.70 0.81 23.62
N SER A 6 6.73 1.59 23.10
CA SER A 6 5.56 1.00 22.45
C SER A 6 5.85 0.66 21.00
N GLY A 7 5.08 -0.25 20.44
CA GLY A 7 5.27 -0.66 19.06
C GLY A 7 4.47 -1.90 18.70
N THR A 8 3.37 -1.72 17.99
CA THR A 8 2.52 -2.83 17.58
C THR A 8 2.00 -2.64 16.16
N GLY A 9 2.37 -3.54 15.27
CA GLY A 9 1.94 -3.46 13.89
C GLY A 9 2.88 -4.17 12.94
N LYS A 10 2.97 -5.48 13.07
CA LYS A 10 3.84 -6.28 12.20
C LYS A 10 3.03 -7.02 11.14
N LYS A 11 2.74 -6.33 10.04
CA LYS A 11 1.97 -6.91 8.95
C LYS A 11 2.90 -7.51 7.89
N PRO A 12 2.42 -8.53 7.18
CA PRO A 12 3.19 -9.20 6.13
C PRO A 12 3.38 -8.31 4.90
N TYR A 13 2.29 -7.73 4.41
CA TYR A 13 2.36 -6.86 3.24
C TYR A 13 1.22 -5.85 3.26
N LYS A 14 1.57 -4.59 3.44
CA LYS A 14 0.58 -3.51 3.48
C LYS A 14 0.85 -2.48 2.40
N CYS A 15 -0.21 -1.93 1.83
CA CYS A 15 -0.09 -0.92 0.78
C CYS A 15 0.04 0.48 1.38
N ASN A 16 1.22 1.08 1.19
CA ASN A 16 1.47 2.42 1.71
C ASN A 16 0.61 3.46 1.00
N GLU A 17 0.04 3.07 -0.13
CA GLU A 17 -0.81 3.96 -0.92
C GLU A 17 -2.21 4.05 -0.30
N CYS A 18 -2.81 2.90 -0.03
CA CYS A 18 -4.14 2.85 0.54
C CYS A 18 -4.10 2.31 1.98
N GLY A 19 -3.32 1.25 2.17
CA GLY A 19 -3.20 0.65 3.49
C GLY A 19 -3.81 -0.73 3.56
N LYS A 20 -4.06 -1.33 2.39
CA LYS A 20 -4.64 -2.66 2.32
C LYS A 20 -3.59 -3.73 2.54
N VAL A 21 -3.95 -4.77 3.28
CA VAL A 21 -3.03 -5.87 3.58
C VAL A 21 -3.37 -7.10 2.74
N PHE A 22 -2.34 -7.86 2.37
CA PHE A 22 -2.52 -9.06 1.57
C PHE A 22 -1.74 -10.23 2.17
N THR A 23 -2.45 -11.32 2.45
CA THR A 23 -1.83 -12.51 3.02
C THR A 23 -0.55 -12.87 2.29
N GLN A 24 -0.51 -12.56 1.00
CA GLN A 24 0.67 -12.85 0.18
C GLN A 24 1.19 -11.58 -0.48
N ASN A 25 2.49 -11.57 -0.77
CA ASN A 25 3.12 -10.42 -1.39
C ASN A 25 2.62 -10.23 -2.82
N SER A 26 2.68 -11.30 -3.62
CA SER A 26 2.23 -11.25 -5.00
C SER A 26 0.89 -10.51 -5.12
N HIS A 27 0.00 -10.78 -4.17
CA HIS A 27 -1.31 -10.13 -4.15
C HIS A 27 -1.17 -8.62 -4.03
N LEU A 28 -0.29 -8.18 -3.15
CA LEU A 28 -0.07 -6.76 -2.94
C LEU A 28 0.65 -6.13 -4.13
N ALA A 29 1.82 -6.67 -4.45
CA ALA A 29 2.61 -6.17 -5.57
C ALA A 29 1.72 -5.88 -6.79
N ARG A 30 0.90 -6.86 -7.14
CA ARG A 30 -0.01 -6.71 -8.28
C ARG A 30 -1.09 -5.68 -8.00
N HIS A 31 -1.51 -5.60 -6.73
CA HIS A 31 -2.54 -4.66 -6.33
C HIS A 31 -2.06 -3.22 -6.50
N ARG A 32 -0.88 -2.93 -5.94
CA ARG A 32 -0.31 -1.59 -6.02
C ARG A 32 -0.56 -0.98 -7.39
N GLY A 33 -0.73 -1.83 -8.40
CA GLY A 33 -0.97 -1.36 -9.75
C GLY A 33 -2.18 -0.44 -9.83
N ILE A 34 -3.26 -0.83 -9.17
CA ILE A 34 -4.49 -0.03 -9.17
C ILE A 34 -4.18 1.43 -8.87
N HIS A 35 -3.08 1.67 -8.19
CA HIS A 35 -2.67 3.04 -7.84
C HIS A 35 -1.96 3.71 -9.02
N THR A 36 -0.85 3.13 -9.44
CA THR A 36 -0.08 3.67 -10.55
C THR A 36 -0.99 4.30 -11.60
N GLY A 37 -2.09 3.63 -11.92
CA GLY A 37 -3.03 4.14 -12.90
C GLY A 37 -4.16 4.92 -12.26
N GLU A 38 -5.25 4.22 -11.95
CA GLU A 38 -6.41 4.85 -11.33
C GLU A 38 -6.10 5.30 -9.90
N LYS A 39 -5.92 6.59 -9.72
CA LYS A 39 -5.62 7.15 -8.41
C LYS A 39 -6.66 8.21 -8.01
N PRO A 40 -6.96 8.27 -6.71
CA PRO A 40 -7.93 9.23 -6.18
C PRO A 40 -7.41 10.66 -6.21
N SER A 41 -6.21 10.83 -6.75
CA SER A 41 -5.60 12.15 -6.84
C SER A 41 -6.65 13.22 -7.11
N GLY A 42 -6.63 14.28 -6.31
CA GLY A 42 -7.59 15.36 -6.46
C GLY A 42 -6.92 16.68 -6.80
N PRO A 43 -7.69 17.77 -6.70
CA PRO A 43 -7.19 19.11 -7.01
C PRO A 43 -6.20 19.61 -5.96
N SER A 44 -5.07 20.13 -6.42
CA SER A 44 -4.03 20.64 -5.52
C SER A 44 -4.64 21.56 -4.46
N SER A 45 -3.96 21.67 -3.33
CA SER A 45 -4.43 22.51 -2.23
C SER A 45 -4.53 23.97 -2.68
N GLY A 46 -5.66 24.60 -2.34
CA GLY A 46 -5.86 25.99 -2.72
C GLY A 46 -5.94 26.91 -1.51
ZN ZN B . -3.30 0.09 -2.51
N GLY A 1 11.30 10.91 21.80
CA GLY A 1 11.83 9.57 21.97
C GLY A 1 10.83 8.50 21.61
N SER A 2 11.13 7.75 20.56
CA SER A 2 10.24 6.68 20.11
C SER A 2 11.04 5.43 19.74
N SER A 3 10.34 4.30 19.63
CA SER A 3 10.98 3.04 19.29
C SER A 3 10.46 2.51 17.96
N GLY A 4 11.39 2.12 17.09
CA GLY A 4 11.01 1.59 15.79
C GLY A 4 11.17 0.09 15.70
N SER A 5 10.78 -0.60 16.76
CA SER A 5 10.87 -2.06 16.81
C SER A 5 9.55 -2.71 16.41
N SER A 6 8.48 -2.26 17.04
CA SER A 6 7.15 -2.80 16.76
C SER A 6 6.13 -1.67 16.57
N GLY A 7 4.89 -2.05 16.25
CA GLY A 7 3.85 -1.07 16.05
C GLY A 7 3.75 -0.62 14.60
N THR A 8 4.90 -0.48 13.95
CA THR A 8 4.94 -0.05 12.56
C THR A 8 3.93 -0.83 11.72
N GLY A 9 3.80 -2.12 11.99
CA GLY A 9 2.88 -2.95 11.25
C GLY A 9 3.19 -4.42 11.37
N LYS A 10 2.34 -5.16 12.08
CA LYS A 10 2.54 -6.59 12.27
C LYS A 10 2.13 -7.37 11.02
N LYS A 11 1.03 -6.95 10.41
CA LYS A 11 0.54 -7.59 9.19
C LYS A 11 1.70 -8.06 8.31
N PRO A 12 1.44 -9.09 7.48
CA PRO A 12 2.45 -9.64 6.57
C PRO A 12 2.79 -8.68 5.44
N TYR A 13 1.77 -8.18 4.76
CA TYR A 13 1.96 -7.26 3.65
C TYR A 13 0.80 -6.27 3.56
N LYS A 14 1.08 -5.01 3.90
CA LYS A 14 0.07 -3.96 3.85
C LYS A 14 0.46 -2.87 2.86
N CYS A 15 -0.54 -2.36 2.14
CA CYS A 15 -0.30 -1.31 1.15
C CYS A 15 -0.15 0.05 1.83
N ASN A 16 0.99 0.69 1.61
CA ASN A 16 1.26 1.99 2.20
C ASN A 16 0.49 3.08 1.46
N GLU A 17 -0.14 2.71 0.36
CA GLU A 17 -0.92 3.67 -0.43
C GLU A 17 -2.33 3.81 0.12
N CYS A 18 -3.01 2.67 0.28
CA CYS A 18 -4.37 2.67 0.79
C CYS A 18 -4.42 2.06 2.19
N GLY A 19 -3.75 0.93 2.36
CA GLY A 19 -3.73 0.26 3.65
C GLY A 19 -4.33 -1.13 3.60
N LYS A 20 -4.40 -1.70 2.39
CA LYS A 20 -4.95 -3.04 2.21
C LYS A 20 -3.89 -4.10 2.50
N VAL A 21 -4.32 -5.18 3.16
CA VAL A 21 -3.42 -6.27 3.50
C VAL A 21 -3.67 -7.48 2.61
N PHE A 22 -2.59 -8.18 2.24
CA PHE A 22 -2.69 -9.36 1.40
C PHE A 22 -1.89 -10.52 1.98
N THR A 23 -2.55 -11.63 2.25
CA THR A 23 -1.90 -12.80 2.80
C THR A 23 -0.58 -13.09 2.08
N GLN A 24 -0.57 -12.86 0.77
CA GLN A 24 0.63 -13.10 -0.02
C GLN A 24 1.15 -11.79 -0.61
N ASN A 25 2.48 -11.65 -0.64
CA ASN A 25 3.11 -10.45 -1.18
C ASN A 25 2.70 -10.22 -2.63
N SER A 26 2.77 -11.28 -3.43
CA SER A 26 2.40 -11.20 -4.84
C SER A 26 1.08 -10.48 -5.03
N HIS A 27 0.11 -10.80 -4.16
CA HIS A 27 -1.21 -10.18 -4.23
C HIS A 27 -1.10 -8.67 -4.11
N LEU A 28 -0.28 -8.20 -3.17
CA LEU A 28 -0.09 -6.77 -2.95
C LEU A 28 0.59 -6.13 -4.15
N ALA A 29 1.73 -6.68 -4.55
CA ALA A 29 2.47 -6.16 -5.70
C ALA A 29 1.54 -5.89 -6.88
N ARG A 30 0.77 -6.90 -7.25
CA ARG A 30 -0.16 -6.78 -8.37
C ARG A 30 -1.24 -5.74 -8.07
N HIS A 31 -1.57 -5.59 -6.80
CA HIS A 31 -2.59 -4.62 -6.38
C HIS A 31 -2.08 -3.19 -6.56
N ARG A 32 -0.89 -2.92 -6.02
CA ARG A 32 -0.31 -1.59 -6.12
C ARG A 32 -0.56 -0.98 -7.50
N GLY A 33 -0.76 -1.84 -8.49
CA GLY A 33 -1.01 -1.37 -9.84
C GLY A 33 -2.19 -0.41 -9.91
N ILE A 34 -3.27 -0.76 -9.22
CA ILE A 34 -4.47 0.08 -9.21
C ILE A 34 -4.13 1.50 -8.80
N HIS A 35 -3.02 1.68 -8.08
CA HIS A 35 -2.59 3.00 -7.64
C HIS A 35 -1.84 3.73 -8.74
N THR A 36 -0.79 3.10 -9.25
CA THR A 36 0.02 3.70 -10.30
C THR A 36 -0.26 3.03 -11.65
N GLY A 37 -0.48 3.86 -12.67
CA GLY A 37 -0.76 3.33 -14.00
C GLY A 37 -1.05 4.42 -15.00
N GLU A 38 -2.15 5.14 -14.79
CA GLU A 38 -2.55 6.22 -15.69
C GLU A 38 -2.25 7.58 -15.07
N LYS A 39 -1.63 8.46 -15.87
CA LYS A 39 -1.28 9.79 -15.40
C LYS A 39 -2.53 10.61 -15.10
N PRO A 40 -2.48 11.41 -14.04
CA PRO A 40 -3.60 12.27 -13.63
C PRO A 40 -3.84 13.42 -14.59
N SER A 41 -2.87 13.65 -15.48
CA SER A 41 -2.97 14.73 -16.45
C SER A 41 -4.32 14.68 -17.18
N GLY A 42 -4.67 13.50 -17.67
CA GLY A 42 -5.93 13.35 -18.38
C GLY A 42 -7.12 13.64 -17.51
N PRO A 43 -8.32 13.21 -17.95
CA PRO A 43 -9.57 13.42 -17.21
C PRO A 43 -9.64 12.60 -15.93
N SER A 44 -9.61 13.29 -14.79
CA SER A 44 -9.65 12.62 -13.50
C SER A 44 -10.99 11.92 -13.30
N SER A 45 -10.95 10.59 -13.21
CA SER A 45 -12.16 9.79 -13.03
C SER A 45 -12.59 9.78 -11.57
N GLY A 46 -13.62 10.55 -11.25
CA GLY A 46 -14.11 10.60 -9.88
C GLY A 46 -15.60 10.38 -9.78
ZN ZN B . -3.28 -0.05 -2.26
N GLY A 1 10.63 16.94 16.35
CA GLY A 1 9.94 15.66 16.44
C GLY A 1 8.56 15.78 17.04
N SER A 2 7.76 14.73 16.91
CA SER A 2 6.39 14.72 17.44
C SER A 2 5.92 13.30 17.70
N SER A 3 5.28 13.09 18.85
CA SER A 3 4.78 11.77 19.21
C SER A 3 3.75 11.28 18.19
N GLY A 4 2.84 12.17 17.83
CA GLY A 4 1.80 11.80 16.87
C GLY A 4 1.10 10.51 17.22
N SER A 5 0.70 9.76 16.20
CA SER A 5 0.01 8.49 16.42
C SER A 5 1.01 7.33 16.49
N SER A 6 0.61 6.26 17.17
CA SER A 6 1.47 5.09 17.31
C SER A 6 2.11 4.71 15.98
N GLY A 7 3.09 3.81 16.03
CA GLY A 7 3.77 3.39 14.83
C GLY A 7 4.07 1.90 14.82
N THR A 8 3.03 1.09 14.89
CA THR A 8 3.18 -0.37 14.90
C THR A 8 2.56 -1.00 13.66
N GLY A 9 2.83 -2.29 13.46
CA GLY A 9 2.29 -2.98 12.32
C GLY A 9 2.68 -4.45 12.29
N LYS A 10 1.71 -5.32 12.53
CA LYS A 10 1.95 -6.76 12.54
C LYS A 10 1.24 -7.44 11.36
N LYS A 11 1.72 -7.16 10.16
CA LYS A 11 1.14 -7.74 8.95
C LYS A 11 2.23 -8.23 8.00
N PRO A 12 1.89 -9.20 7.15
CA PRO A 12 2.82 -9.76 6.17
C PRO A 12 3.16 -8.78 5.06
N TYR A 13 2.12 -8.20 4.45
CA TYR A 13 2.32 -7.24 3.36
C TYR A 13 1.19 -6.22 3.35
N LYS A 14 1.53 -4.97 3.66
CA LYS A 14 0.55 -3.90 3.67
C LYS A 14 0.86 -2.85 2.61
N CYS A 15 -0.17 -2.32 1.97
CA CYS A 15 0.01 -1.31 0.94
C CYS A 15 0.10 0.09 1.55
N ASN A 16 1.26 0.73 1.37
CA ASN A 16 1.48 2.07 1.90
C ASN A 16 0.75 3.11 1.07
N GLU A 17 -0.01 2.65 0.08
CA GLU A 17 -0.77 3.54 -0.79
C GLU A 17 -2.17 3.77 -0.25
N CYS A 18 -2.88 2.68 0.02
CA CYS A 18 -4.24 2.76 0.53
C CYS A 18 -4.29 2.29 1.99
N GLY A 19 -3.64 1.17 2.27
CA GLY A 19 -3.62 0.65 3.63
C GLY A 19 -4.22 -0.74 3.72
N LYS A 20 -4.14 -1.49 2.62
CA LYS A 20 -4.68 -2.85 2.58
C LYS A 20 -3.61 -3.87 2.95
N VAL A 21 -4.03 -5.12 3.08
CA VAL A 21 -3.11 -6.20 3.43
C VAL A 21 -3.41 -7.46 2.63
N PHE A 22 -2.36 -8.16 2.22
CA PHE A 22 -2.50 -9.39 1.45
C PHE A 22 -1.59 -10.49 1.99
N THR A 23 -2.21 -11.58 2.44
CA THR A 23 -1.45 -12.71 2.99
C THR A 23 -0.17 -12.94 2.20
N GLN A 24 -0.26 -12.84 0.88
CA GLN A 24 0.91 -13.04 0.02
C GLN A 24 1.30 -11.75 -0.67
N ASN A 25 2.59 -11.46 -0.69
CA ASN A 25 3.10 -10.24 -1.32
C ASN A 25 2.60 -10.14 -2.75
N SER A 26 2.77 -11.21 -3.51
CA SER A 26 2.34 -11.23 -4.91
C SER A 26 0.99 -10.54 -5.07
N HIS A 27 0.07 -10.83 -4.16
CA HIS A 27 -1.27 -10.23 -4.20
C HIS A 27 -1.18 -8.71 -4.03
N LEU A 28 -0.25 -8.27 -3.21
CA LEU A 28 -0.07 -6.84 -2.96
C LEU A 28 0.63 -6.16 -4.13
N ALA A 29 1.74 -6.74 -4.56
CA ALA A 29 2.50 -6.19 -5.68
C ALA A 29 1.60 -5.91 -6.88
N ARG A 30 0.78 -6.89 -7.24
CA ARG A 30 -0.14 -6.74 -8.36
C ARG A 30 -1.22 -5.70 -8.06
N HIS A 31 -1.59 -5.60 -6.78
CA HIS A 31 -2.61 -4.65 -6.37
C HIS A 31 -2.10 -3.21 -6.51
N ARG A 32 -0.93 -2.95 -5.94
CA ARG A 32 -0.33 -1.62 -6.00
C ARG A 32 -0.55 -0.99 -7.37
N GLY A 33 -0.71 -1.83 -8.38
CA GLY A 33 -0.92 -1.34 -9.73
C GLY A 33 -2.11 -0.42 -9.83
N ILE A 34 -3.22 -0.79 -9.20
CA ILE A 34 -4.42 0.02 -9.22
C ILE A 34 -4.12 1.48 -8.87
N HIS A 35 -3.02 1.68 -8.14
CA HIS A 35 -2.62 3.03 -7.75
C HIS A 35 -1.89 3.73 -8.89
N THR A 36 -0.85 3.09 -9.41
CA THR A 36 -0.06 3.66 -10.50
C THR A 36 -0.94 3.97 -11.70
N GLY A 37 -1.62 2.94 -12.21
CA GLY A 37 -2.48 3.12 -13.36
C GLY A 37 -1.71 3.29 -14.65
N GLU A 38 -2.41 3.29 -15.77
CA GLU A 38 -1.79 3.43 -17.08
C GLU A 38 -2.15 4.78 -17.70
N LYS A 39 -2.78 5.64 -16.92
CA LYS A 39 -3.18 6.96 -17.40
C LYS A 39 -2.05 7.96 -17.24
N PRO A 40 -2.02 8.97 -18.13
CA PRO A 40 -1.00 10.01 -18.11
C PRO A 40 -1.13 10.94 -16.91
N SER A 41 -2.37 11.19 -16.49
CA SER A 41 -2.64 12.07 -15.36
C SER A 41 -3.21 11.27 -14.18
N GLY A 42 -3.11 11.85 -12.98
CA GLY A 42 -3.61 11.18 -11.81
C GLY A 42 -3.08 11.78 -10.52
N PRO A 43 -2.00 11.19 -9.99
CA PRO A 43 -1.36 11.66 -8.76
C PRO A 43 -0.65 13.00 -8.94
N SER A 44 0.03 13.45 -7.90
CA SER A 44 0.74 14.73 -7.93
C SER A 44 2.11 14.55 -8.58
N SER A 45 2.81 15.66 -8.78
CA SER A 45 4.13 15.64 -9.39
C SER A 45 4.15 14.73 -10.61
N GLY A 46 3.10 14.81 -11.43
CA GLY A 46 3.03 13.99 -12.61
C GLY A 46 2.99 12.50 -12.30
ZN ZN B . -3.06 0.07 -2.32
N GLY A 1 -1.09 9.40 36.66
CA GLY A 1 -1.57 9.68 35.33
C GLY A 1 -0.56 9.30 34.25
N SER A 2 -1.04 8.69 33.19
CA SER A 2 -0.19 8.26 32.10
C SER A 2 -0.95 8.27 30.77
N SER A 3 -0.31 8.82 29.74
CA SER A 3 -0.93 8.91 28.42
C SER A 3 -0.86 7.55 27.71
N GLY A 4 -1.91 7.24 26.97
CA GLY A 4 -1.96 5.98 26.24
C GLY A 4 -1.77 6.16 24.75
N SER A 5 -1.18 5.16 24.11
CA SER A 5 -0.93 5.21 22.67
C SER A 5 -1.20 3.86 22.03
N SER A 6 -2.30 3.78 21.27
CA SER A 6 -2.67 2.54 20.59
C SER A 6 -2.05 2.47 19.20
N GLY A 7 -1.72 1.25 18.78
CA GLY A 7 -1.13 1.07 17.46
C GLY A 7 -0.15 -0.10 17.42
N THR A 8 -0.66 -1.30 17.70
CA THR A 8 0.17 -2.49 17.69
C THR A 8 -0.45 -3.58 16.82
N GLY A 9 0.40 -4.43 16.26
CA GLY A 9 -0.07 -5.50 15.41
C GLY A 9 1.00 -6.02 14.47
N LYS A 10 0.63 -6.96 13.61
CA LYS A 10 1.57 -7.54 12.65
C LYS A 10 0.84 -8.00 11.39
N LYS A 11 1.58 -8.06 10.28
CA LYS A 11 1.00 -8.49 9.02
C LYS A 11 2.10 -8.89 8.04
N PRO A 12 1.75 -9.74 7.06
CA PRO A 12 2.70 -10.21 6.05
C PRO A 12 3.08 -9.11 5.06
N TYR A 13 2.07 -8.44 4.51
CA TYR A 13 2.31 -7.37 3.56
C TYR A 13 1.12 -6.42 3.51
N LYS A 14 1.38 -5.12 3.69
CA LYS A 14 0.33 -4.11 3.67
C LYS A 14 0.70 -2.97 2.73
N CYS A 15 -0.29 -2.40 2.07
CA CYS A 15 -0.08 -1.31 1.14
C CYS A 15 0.09 0.01 1.89
N ASN A 16 1.22 0.67 1.68
CA ASN A 16 1.51 1.95 2.33
C ASN A 16 0.81 3.10 1.60
N GLU A 17 0.04 2.76 0.57
CA GLU A 17 -0.67 3.76 -0.21
C GLU A 17 -2.11 3.90 0.27
N CYS A 18 -2.79 2.77 0.41
CA CYS A 18 -4.18 2.75 0.87
C CYS A 18 -4.30 2.10 2.23
N GLY A 19 -3.56 1.01 2.43
CA GLY A 19 -3.60 0.30 3.69
C GLY A 19 -4.31 -1.03 3.60
N LYS A 20 -4.03 -1.77 2.54
CA LYS A 20 -4.64 -3.09 2.32
C LYS A 20 -3.62 -4.20 2.51
N VAL A 21 -3.94 -5.15 3.39
CA VAL A 21 -3.06 -6.27 3.66
C VAL A 21 -3.40 -7.46 2.78
N PHE A 22 -2.37 -8.14 2.29
CA PHE A 22 -2.56 -9.30 1.42
C PHE A 22 -1.77 -10.50 1.94
N THR A 23 -2.48 -11.54 2.37
CA THR A 23 -1.83 -12.74 2.90
C THR A 23 -0.56 -13.07 2.12
N GLN A 24 -0.59 -12.83 0.82
CA GLN A 24 0.55 -13.10 -0.04
C GLN A 24 1.09 -11.81 -0.66
N ASN A 25 2.41 -11.66 -0.67
CA ASN A 25 3.04 -10.48 -1.24
C ASN A 25 2.63 -10.28 -2.69
N SER A 26 2.68 -11.35 -3.47
CA SER A 26 2.31 -11.29 -4.88
C SER A 26 1.02 -10.50 -5.08
N HIS A 27 0.02 -10.80 -4.24
CA HIS A 27 -1.26 -10.11 -4.32
C HIS A 27 -1.08 -8.60 -4.17
N LEU A 28 -0.25 -8.21 -3.21
CA LEU A 28 0.00 -6.79 -2.96
C LEU A 28 0.69 -6.14 -4.15
N ALA A 29 1.84 -6.69 -4.54
CA ALA A 29 2.59 -6.16 -5.67
C ALA A 29 1.67 -5.88 -6.85
N ARG A 30 0.84 -6.85 -7.19
CA ARG A 30 -0.08 -6.72 -8.31
C ARG A 30 -1.17 -5.68 -7.99
N HIS A 31 -1.51 -5.57 -6.72
CA HIS A 31 -2.53 -4.62 -6.28
C HIS A 31 -2.04 -3.18 -6.46
N ARG A 32 -0.87 -2.89 -5.92
CA ARG A 32 -0.29 -1.55 -6.03
C ARG A 32 -0.56 -0.95 -7.41
N GLY A 33 -0.76 -1.82 -8.40
CA GLY A 33 -1.01 -1.35 -9.76
C GLY A 33 -2.22 -0.43 -9.83
N ILE A 34 -3.29 -0.81 -9.14
CA ILE A 34 -4.51 -0.01 -9.14
C ILE A 34 -4.21 1.44 -8.81
N HIS A 35 -3.04 1.69 -8.22
CA HIS A 35 -2.64 3.04 -7.87
C HIS A 35 -2.01 3.75 -9.06
N THR A 36 -0.91 3.20 -9.57
CA THR A 36 -0.21 3.79 -10.71
C THR A 36 -1.18 4.06 -11.86
N GLY A 37 -0.65 4.61 -12.95
CA GLY A 37 -1.48 4.91 -14.11
C GLY A 37 -0.76 4.65 -15.41
N GLU A 38 -1.32 5.17 -16.50
CA GLU A 38 -0.73 4.99 -17.83
C GLU A 38 -1.39 5.90 -18.85
N LYS A 39 -0.58 6.54 -19.68
CA LYS A 39 -1.08 7.46 -20.70
C LYS A 39 -0.90 6.85 -22.09
N PRO A 40 -1.76 5.87 -22.43
CA PRO A 40 -1.72 5.21 -23.73
C PRO A 40 -2.16 6.12 -24.87
N SER A 41 -3.23 6.87 -24.64
CA SER A 41 -3.75 7.78 -25.64
C SER A 41 -4.76 8.75 -25.04
N GLY A 42 -4.41 10.04 -25.01
CA GLY A 42 -5.29 11.04 -24.45
C GLY A 42 -4.66 12.41 -24.40
N PRO A 43 -4.59 13.09 -25.56
CA PRO A 43 -4.00 14.42 -25.66
C PRO A 43 -4.84 15.48 -24.98
N SER A 44 -4.55 16.75 -25.26
CA SER A 44 -5.28 17.86 -24.66
C SER A 44 -5.22 17.79 -23.13
N SER A 45 -4.02 17.60 -22.61
CA SER A 45 -3.82 17.51 -21.17
C SER A 45 -4.38 18.75 -20.46
N GLY A 46 -4.43 18.70 -19.14
CA GLY A 46 -4.93 19.83 -18.38
C GLY A 46 -4.33 19.91 -16.99
ZN ZN B . -3.04 0.06 -2.25
N GLY A 1 7.18 12.72 15.55
CA GLY A 1 6.55 12.58 16.85
C GLY A 1 7.53 12.13 17.92
N SER A 2 7.44 12.74 19.10
CA SER A 2 8.33 12.39 20.20
C SER A 2 8.04 10.99 20.72
N SER A 3 9.08 10.29 21.12
CA SER A 3 8.94 8.93 21.64
C SER A 3 7.69 8.80 22.51
N GLY A 4 6.78 7.91 22.12
CA GLY A 4 5.56 7.71 22.87
C GLY A 4 5.07 6.28 22.81
N SER A 5 3.81 6.10 22.43
CA SER A 5 3.22 4.78 22.33
C SER A 5 2.91 4.41 20.89
N SER A 6 3.14 3.16 20.53
CA SER A 6 2.90 2.68 19.17
C SER A 6 2.02 1.44 19.18
N GLY A 7 1.22 1.28 18.13
CA GLY A 7 0.34 0.12 18.04
C GLY A 7 -0.19 -0.09 16.64
N THR A 8 0.67 -0.60 15.76
CA THR A 8 0.28 -0.86 14.37
C THR A 8 1.16 -1.94 13.74
N GLY A 9 0.52 -2.84 12.99
CA GLY A 9 1.26 -3.91 12.35
C GLY A 9 0.59 -5.26 12.51
N LYS A 10 1.37 -6.28 12.84
CA LYS A 10 0.85 -7.63 13.03
C LYS A 10 0.23 -8.15 11.75
N LYS A 11 0.92 -7.94 10.62
CA LYS A 11 0.43 -8.39 9.33
C LYS A 11 1.60 -8.77 8.42
N PRO A 12 1.32 -9.62 7.42
CA PRO A 12 2.33 -10.07 6.46
C PRO A 12 2.77 -8.96 5.51
N TYR A 13 1.79 -8.29 4.91
CA TYR A 13 2.07 -7.20 3.98
C TYR A 13 0.90 -6.22 3.92
N LYS A 14 1.22 -4.93 4.02
CA LYS A 14 0.19 -3.89 3.97
C LYS A 14 0.54 -2.83 2.92
N CYS A 15 -0.47 -2.38 2.18
CA CYS A 15 -0.27 -1.38 1.15
C CYS A 15 -0.20 0.02 1.77
N ASN A 16 0.95 0.67 1.64
CA ASN A 16 1.14 2.01 2.17
C ASN A 16 0.43 3.05 1.30
N GLU A 17 -0.31 2.58 0.31
CA GLU A 17 -1.04 3.47 -0.58
C GLU A 17 -2.47 3.66 -0.12
N CYS A 18 -3.16 2.56 0.12
CA CYS A 18 -4.55 2.60 0.56
C CYS A 18 -4.66 2.17 2.03
N GLY A 19 -3.96 1.09 2.38
CA GLY A 19 -4.00 0.60 3.73
C GLY A 19 -4.57 -0.80 3.82
N LYS A 20 -4.47 -1.56 2.73
CA LYS A 20 -4.98 -2.92 2.69
C LYS A 20 -3.90 -3.92 3.10
N VAL A 21 -4.27 -5.19 3.16
CA VAL A 21 -3.34 -6.25 3.54
C VAL A 21 -3.58 -7.51 2.72
N PHE A 22 -2.49 -8.15 2.30
CA PHE A 22 -2.57 -9.37 1.51
C PHE A 22 -1.69 -10.47 2.10
N THR A 23 -2.32 -11.58 2.48
CA THR A 23 -1.60 -12.70 3.06
C THR A 23 -0.35 -13.03 2.25
N GLN A 24 -0.35 -12.64 0.98
CA GLN A 24 0.77 -12.89 0.10
C GLN A 24 1.23 -11.61 -0.58
N ASN A 25 2.54 -11.38 -0.59
CA ASN A 25 3.11 -10.18 -1.22
C ASN A 25 2.70 -10.09 -2.68
N SER A 26 2.79 -11.21 -3.39
CA SER A 26 2.42 -11.25 -4.81
C SER A 26 1.07 -10.58 -5.03
N HIS A 27 0.13 -10.85 -4.15
CA HIS A 27 -1.21 -10.27 -4.25
C HIS A 27 -1.17 -8.76 -4.06
N LEU A 28 -0.21 -8.30 -3.27
CA LEU A 28 -0.05 -6.87 -2.99
C LEU A 28 0.63 -6.16 -4.15
N ALA A 29 1.71 -6.77 -4.65
CA ALA A 29 2.46 -6.20 -5.76
C ALA A 29 1.54 -5.93 -6.96
N ARG A 30 0.72 -6.91 -7.30
CA ARG A 30 -0.21 -6.77 -8.42
C ARG A 30 -1.29 -5.73 -8.11
N HIS A 31 -1.63 -5.61 -6.83
CA HIS A 31 -2.66 -4.65 -6.41
C HIS A 31 -2.15 -3.23 -6.53
N ARG A 32 -0.99 -2.96 -5.94
CA ARG A 32 -0.39 -1.63 -5.98
C ARG A 32 -0.59 -0.99 -7.35
N GLY A 33 -0.74 -1.83 -8.37
CA GLY A 33 -0.93 -1.33 -9.72
C GLY A 33 -2.12 -0.38 -9.83
N ILE A 34 -3.22 -0.74 -9.19
CA ILE A 34 -4.42 0.08 -9.22
C ILE A 34 -4.11 1.52 -8.81
N HIS A 35 -2.97 1.70 -8.15
CA HIS A 35 -2.56 3.03 -7.70
C HIS A 35 -1.75 3.74 -8.79
N THR A 36 -0.65 3.12 -9.22
CA THR A 36 0.20 3.70 -10.25
C THR A 36 0.23 2.82 -11.49
N GLY A 37 0.13 3.45 -12.65
CA GLY A 37 0.15 2.72 -13.91
C GLY A 37 -0.24 3.57 -15.09
N GLU A 38 -1.45 4.12 -15.05
CA GLU A 38 -1.95 4.97 -16.14
C GLU A 38 -3.28 5.62 -15.77
N LYS A 39 -3.27 6.93 -15.61
CA LYS A 39 -4.47 7.67 -15.25
C LYS A 39 -4.21 9.18 -15.26
N PRO A 40 -5.18 9.94 -15.78
CA PRO A 40 -5.08 11.40 -15.86
C PRO A 40 -5.16 12.06 -14.49
N SER A 41 -4.01 12.31 -13.88
CA SER A 41 -3.95 12.94 -12.56
C SER A 41 -2.61 13.67 -12.37
N GLY A 42 -2.68 14.84 -11.76
CA GLY A 42 -1.48 15.62 -11.52
C GLY A 42 -1.72 17.11 -11.65
N PRO A 43 -1.35 17.67 -12.81
CA PRO A 43 -1.51 19.11 -13.09
C PRO A 43 -2.98 19.49 -13.26
N SER A 44 -3.21 20.77 -13.56
CA SER A 44 -4.57 21.27 -13.74
C SER A 44 -5.49 20.78 -12.62
N SER A 45 -5.00 20.88 -11.39
CA SER A 45 -5.78 20.45 -10.23
C SER A 45 -6.80 21.51 -9.83
N GLY A 46 -8.08 21.13 -9.84
CA GLY A 46 -9.13 22.07 -9.48
C GLY A 46 -9.95 21.58 -8.30
ZN ZN B . -3.22 -0.17 -2.25
N GLY A 1 12.47 5.02 33.57
CA GLY A 1 11.95 5.60 32.35
C GLY A 1 10.90 4.73 31.69
N SER A 2 9.75 5.32 31.37
CA SER A 2 8.67 4.59 30.73
C SER A 2 8.16 5.32 29.50
N SER A 3 8.54 4.82 28.32
CA SER A 3 8.12 5.44 27.06
C SER A 3 7.58 4.39 26.10
N GLY A 4 6.31 4.03 26.29
CA GLY A 4 5.69 3.03 25.43
C GLY A 4 4.93 3.67 24.28
N SER A 5 4.67 2.87 23.25
CA SER A 5 3.95 3.35 22.07
C SER A 5 2.92 2.33 21.60
N SER A 6 1.74 2.81 21.25
CA SER A 6 0.67 1.94 20.79
C SER A 6 1.23 0.79 19.96
N GLY A 7 0.51 -0.33 19.95
CA GLY A 7 0.94 -1.49 19.18
C GLY A 7 -0.17 -2.50 18.99
N THR A 8 -0.23 -3.09 17.79
CA THR A 8 -1.25 -4.07 17.48
C THR A 8 -0.63 -5.38 17.01
N GLY A 9 0.30 -5.28 16.06
CA GLY A 9 0.97 -6.47 15.55
C GLY A 9 1.64 -6.23 14.22
N LYS A 10 2.71 -6.97 13.95
CA LYS A 10 3.45 -6.83 12.71
C LYS A 10 2.77 -7.61 11.58
N LYS A 11 2.47 -6.92 10.49
CA LYS A 11 1.81 -7.53 9.35
C LYS A 11 2.84 -8.03 8.34
N PRO A 12 2.45 -9.01 7.52
CA PRO A 12 3.32 -9.59 6.49
C PRO A 12 3.60 -8.63 5.35
N TYR A 13 2.53 -8.05 4.80
CA TYR A 13 2.67 -7.11 3.69
C TYR A 13 1.52 -6.11 3.69
N LYS A 14 1.85 -4.82 3.71
CA LYS A 14 0.83 -3.76 3.71
C LYS A 14 1.10 -2.76 2.59
N CYS A 15 0.03 -2.21 2.03
CA CYS A 15 0.15 -1.24 0.96
C CYS A 15 0.37 0.16 1.51
N ASN A 16 1.60 0.67 1.36
CA ASN A 16 1.94 2.00 1.86
C ASN A 16 1.22 3.08 1.06
N GLU A 17 0.49 2.66 0.03
CA GLU A 17 -0.26 3.58 -0.81
C GLU A 17 -1.63 3.88 -0.21
N CYS A 18 -2.38 2.82 0.07
CA CYS A 18 -3.72 2.97 0.64
C CYS A 18 -3.75 2.48 2.10
N GLY A 19 -3.16 1.31 2.33
CA GLY A 19 -3.13 0.76 3.67
C GLY A 19 -3.87 -0.56 3.77
N LYS A 20 -3.67 -1.43 2.79
CA LYS A 20 -4.32 -2.73 2.78
C LYS A 20 -3.30 -3.86 2.92
N VAL A 21 -3.61 -4.81 3.80
CA VAL A 21 -2.72 -5.94 4.04
C VAL A 21 -3.13 -7.16 3.21
N PHE A 22 -2.15 -7.87 2.67
CA PHE A 22 -2.40 -9.04 1.86
C PHE A 22 -1.62 -10.24 2.37
N THR A 23 -2.31 -11.36 2.59
CA THR A 23 -1.68 -12.57 3.08
C THR A 23 -0.43 -12.90 2.27
N GLN A 24 -0.49 -12.68 0.97
CA GLN A 24 0.64 -12.95 0.08
C GLN A 24 1.13 -11.66 -0.58
N ASN A 25 2.45 -11.52 -0.65
CA ASN A 25 3.06 -10.34 -1.26
C ASN A 25 2.65 -10.21 -2.72
N SER A 26 2.74 -11.31 -3.45
CA SER A 26 2.37 -11.32 -4.87
C SER A 26 1.02 -10.64 -5.09
N HIS A 27 0.11 -10.84 -4.15
CA HIS A 27 -1.22 -10.25 -4.24
C HIS A 27 -1.15 -8.74 -4.03
N LEU A 28 -0.17 -8.30 -3.28
CA LEU A 28 0.01 -6.87 -3.00
C LEU A 28 0.69 -6.16 -4.17
N ALA A 29 1.82 -6.70 -4.61
CA ALA A 29 2.56 -6.12 -5.73
C ALA A 29 1.65 -5.90 -6.93
N ARG A 30 0.75 -6.84 -7.16
CA ARG A 30 -0.18 -6.74 -8.28
C ARG A 30 -1.26 -5.70 -8.00
N HIS A 31 -1.61 -5.55 -6.73
CA HIS A 31 -2.63 -4.58 -6.32
C HIS A 31 -2.12 -3.15 -6.50
N ARG A 32 -0.96 -2.86 -5.92
CA ARG A 32 -0.37 -1.53 -6.00
C ARG A 32 -0.58 -0.93 -7.38
N GLY A 33 -0.73 -1.80 -8.39
CA GLY A 33 -0.94 -1.34 -9.74
C GLY A 33 -2.13 -0.41 -9.87
N ILE A 34 -3.24 -0.78 -9.23
CA ILE A 34 -4.45 0.03 -9.27
C ILE A 34 -4.17 1.47 -8.87
N HIS A 35 -3.03 1.69 -8.21
CA HIS A 35 -2.63 3.02 -7.77
C HIS A 35 -1.88 3.75 -8.88
N THR A 36 -0.80 3.14 -9.36
CA THR A 36 0.01 3.74 -10.42
C THR A 36 -0.24 3.03 -11.75
N GLY A 37 -0.91 3.72 -12.66
CA GLY A 37 -1.20 3.16 -13.96
C GLY A 37 -1.73 4.18 -14.94
N GLU A 38 -2.92 4.72 -14.65
CA GLU A 38 -3.54 5.72 -15.51
C GLU A 38 -4.42 6.66 -14.71
N LYS A 39 -4.48 7.92 -15.14
CA LYS A 39 -5.30 8.92 -14.46
C LYS A 39 -6.46 9.38 -15.34
N PRO A 40 -7.57 8.65 -15.28
CA PRO A 40 -8.77 8.96 -16.06
C PRO A 40 -9.46 10.24 -15.59
N SER A 41 -10.44 10.69 -16.36
CA SER A 41 -11.17 11.91 -16.01
C SER A 41 -10.24 12.97 -15.43
N GLY A 42 -9.07 13.12 -16.04
CA GLY A 42 -8.10 14.09 -15.57
C GLY A 42 -8.13 15.36 -16.39
N PRO A 43 -7.23 15.44 -17.39
CA PRO A 43 -7.13 16.61 -18.27
C PRO A 43 -8.33 16.74 -19.20
N SER A 44 -9.39 17.39 -18.72
CA SER A 44 -10.60 17.58 -19.50
C SER A 44 -11.15 18.99 -19.31
N SER A 45 -11.60 19.60 -20.41
CA SER A 45 -12.15 20.95 -20.36
C SER A 45 -13.33 21.02 -19.40
N GLY A 46 -14.33 20.17 -19.63
CA GLY A 46 -15.51 20.15 -18.78
C GLY A 46 -15.56 18.92 -17.90
ZN ZN B . -3.11 -0.06 -2.18
N GLY A 1 9.37 3.30 31.89
CA GLY A 1 9.23 1.88 31.57
C GLY A 1 7.88 1.57 30.95
N SER A 2 7.85 1.54 29.62
CA SER A 2 6.61 1.25 28.90
C SER A 2 6.81 0.06 27.96
N SER A 3 5.70 -0.58 27.60
CA SER A 3 5.73 -1.75 26.72
C SER A 3 4.76 -1.58 25.56
N GLY A 4 4.81 -2.51 24.61
CA GLY A 4 3.92 -2.44 23.46
C GLY A 4 2.50 -2.10 23.84
N SER A 5 2.01 -0.97 23.34
CA SER A 5 0.66 -0.53 23.64
C SER A 5 -0.23 -0.61 22.40
N SER A 6 0.27 -0.07 21.29
CA SER A 6 -0.48 -0.07 20.04
C SER A 6 -1.27 -1.37 19.88
N GLY A 7 -0.62 -2.48 20.22
CA GLY A 7 -1.29 -3.77 20.11
C GLY A 7 -0.36 -4.86 19.59
N THR A 8 -0.93 -5.91 19.01
CA THR A 8 -0.15 -7.01 18.49
C THR A 8 -0.69 -7.48 17.14
N GLY A 9 0.19 -8.00 16.29
CA GLY A 9 -0.22 -8.48 14.99
C GLY A 9 0.68 -7.98 13.88
N LYS A 10 1.71 -8.76 13.55
CA LYS A 10 2.65 -8.38 12.50
C LYS A 10 2.08 -8.73 11.12
N LYS A 11 1.73 -7.70 10.37
CA LYS A 11 1.18 -7.89 9.02
C LYS A 11 2.27 -8.27 8.04
N PRO A 12 1.96 -9.18 7.11
CA PRO A 12 2.89 -9.64 6.09
C PRO A 12 3.21 -8.55 5.06
N TYR A 13 2.17 -7.95 4.50
CA TYR A 13 2.33 -6.91 3.50
C TYR A 13 1.09 -6.02 3.44
N LYS A 14 1.25 -4.77 3.86
CA LYS A 14 0.14 -3.81 3.86
C LYS A 14 0.39 -2.69 2.84
N CYS A 15 -0.67 -2.21 2.22
CA CYS A 15 -0.57 -1.13 1.24
C CYS A 15 -0.63 0.23 1.91
N ASN A 16 0.51 0.90 2.00
CA ASN A 16 0.59 2.22 2.62
C ASN A 16 -0.13 3.26 1.77
N GLU A 17 -0.60 2.84 0.60
CA GLU A 17 -1.31 3.74 -0.30
C GLU A 17 -2.77 3.90 0.10
N CYS A 18 -3.44 2.77 0.35
CA CYS A 18 -4.83 2.78 0.76
C CYS A 18 -5.00 2.19 2.15
N GLY A 19 -4.34 1.07 2.41
CA GLY A 19 -4.43 0.44 3.71
C GLY A 19 -4.96 -0.98 3.62
N LYS A 20 -4.61 -1.69 2.55
CA LYS A 20 -5.05 -3.06 2.36
C LYS A 20 -3.90 -4.04 2.55
N VAL A 21 -4.15 -5.08 3.35
CA VAL A 21 -3.13 -6.08 3.61
C VAL A 21 -3.45 -7.40 2.91
N PHE A 22 -2.40 -8.10 2.47
CA PHE A 22 -2.58 -9.36 1.77
C PHE A 22 -1.71 -10.45 2.39
N THR A 23 -2.25 -11.66 2.47
CA THR A 23 -1.53 -12.78 3.05
C THR A 23 -0.30 -13.13 2.23
N GLN A 24 -0.27 -12.66 0.99
CA GLN A 24 0.85 -12.92 0.10
C GLN A 24 1.30 -11.63 -0.59
N ASN A 25 2.61 -11.40 -0.58
CA ASN A 25 3.18 -10.20 -1.21
C ASN A 25 2.74 -10.10 -2.67
N SER A 26 2.85 -11.21 -3.40
CA SER A 26 2.48 -11.23 -4.81
C SER A 26 1.10 -10.61 -5.01
N HIS A 27 0.19 -10.87 -4.09
CA HIS A 27 -1.16 -10.33 -4.17
C HIS A 27 -1.14 -8.81 -4.08
N LEU A 28 -0.31 -8.28 -3.18
CA LEU A 28 -0.20 -6.85 -3.00
C LEU A 28 0.43 -6.19 -4.23
N ALA A 29 1.66 -6.58 -4.53
CA ALA A 29 2.37 -6.03 -5.68
C ALA A 29 1.43 -5.84 -6.87
N ARG A 30 0.73 -6.90 -7.24
CA ARG A 30 -0.20 -6.85 -8.36
C ARG A 30 -1.28 -5.79 -8.12
N HIS A 31 -1.68 -5.63 -6.86
CA HIS A 31 -2.70 -4.66 -6.50
C HIS A 31 -2.16 -3.23 -6.62
N ARG A 32 -0.95 -3.02 -6.12
CA ARG A 32 -0.32 -1.70 -6.17
C ARG A 32 -0.53 -1.05 -7.53
N GLY A 33 -0.80 -1.88 -8.55
CA GLY A 33 -1.02 -1.36 -9.88
C GLY A 33 -2.16 -0.38 -9.95
N ILE A 34 -3.24 -0.68 -9.23
CA ILE A 34 -4.42 0.19 -9.21
C ILE A 34 -4.05 1.58 -8.70
N HIS A 35 -2.91 1.69 -8.03
CA HIS A 35 -2.46 2.96 -7.49
C HIS A 35 -1.66 3.73 -8.55
N THR A 36 -0.73 3.04 -9.20
CA THR A 36 0.11 3.66 -10.22
C THR A 36 -0.75 4.42 -11.24
N GLY A 37 -1.91 3.87 -11.56
CA GLY A 37 -2.80 4.50 -12.52
C GLY A 37 -3.83 5.39 -11.86
N GLU A 38 -3.45 6.01 -10.74
CA GLU A 38 -4.35 6.89 -10.00
C GLU A 38 -3.65 8.19 -9.63
N LYS A 39 -4.39 9.30 -9.73
CA LYS A 39 -3.84 10.60 -9.39
C LYS A 39 -4.93 11.67 -9.44
N PRO A 40 -4.79 12.70 -8.59
CA PRO A 40 -5.75 13.81 -8.53
C PRO A 40 -5.69 14.70 -9.76
N SER A 41 -4.77 14.38 -10.67
CA SER A 41 -4.61 15.17 -11.89
C SER A 41 -4.25 16.60 -11.58
N GLY A 42 -3.30 16.79 -10.67
CA GLY A 42 -2.87 18.12 -10.29
C GLY A 42 -2.52 18.99 -11.50
N PRO A 43 -2.76 20.29 -11.38
CA PRO A 43 -2.47 21.26 -12.45
C PRO A 43 -0.97 21.44 -12.67
N SER A 44 -0.19 21.18 -11.63
CA SER A 44 1.26 21.33 -11.71
C SER A 44 1.85 20.37 -12.72
N SER A 45 1.57 19.08 -12.54
CA SER A 45 2.07 18.05 -13.44
C SER A 45 1.01 16.99 -13.72
N GLY A 46 1.21 16.21 -14.77
CA GLY A 46 0.27 15.17 -15.12
C GLY A 46 0.42 14.70 -16.55
ZN ZN B . -3.58 -0.07 -2.17
#